data_5C7F
#
_entry.id   5C7F
#
_cell.length_a   58.509
_cell.length_b   129.284
_cell.length_c   79.171
_cell.angle_alpha   90.00
_cell.angle_beta   110.11
_cell.angle_gamma   90.00
#
_symmetry.space_group_name_H-M   'P 1 21 1'
#
loop_
_entity.id
_entity.type
_entity.pdbx_description
1 polymer 'ASPR2 protein'
2 polymer 'Auxin-responsive protein IAA1'
3 non-polymer 'ZINC ION'
#
loop_
_entity_poly.entity_id
_entity_poly.type
_entity_poly.pdbx_seq_one_letter_code
_entity_poly.pdbx_strand_id
1 'polypeptide(L)'
;MSSLSRELVFLILQFLDEEKFKETVHKLEQESGFFFNMKYFEEKVHAGEWDEVEKYLSGFTKVDDNRYSMKIFFEIRKQK
YLEALDRHDRAKAVDILVKDLKVFSTFNEELYKEITQLLTLENFRENEQLSKYGDTKSARSIMLIELKKLIEANPLFREK
LVFPTLKASRLRTLINQSLNWQHQLCKNPRPNPDIKTLFTDHTCTPPNG
;
A,B,C,D
2 'polypeptide(L)' KDTELRLGLPG E,F,G,H
#
loop_
_chem_comp.id
_chem_comp.type
_chem_comp.name
_chem_comp.formula
ZN non-polymer 'ZINC ION' 'Zn 2'
#
# COMPACT_ATOMS: atom_id res chain seq x y z
N MET A 1 -3.25 16.06 45.29
CA MET A 1 -2.62 17.32 45.66
C MET A 1 -3.60 18.24 46.39
N SER A 2 -3.10 19.39 46.85
CA SER A 2 -3.95 20.33 47.59
C SER A 2 -4.95 21.06 46.69
N SER A 3 -5.86 21.83 47.31
CA SER A 3 -6.78 22.67 46.52
C SER A 3 -6.08 23.96 46.06
N LEU A 4 -5.07 24.37 46.81
CA LEU A 4 -4.17 25.47 46.40
C LEU A 4 -3.49 25.10 45.10
N SER A 5 -2.77 23.99 45.16
CA SER A 5 -2.06 23.45 44.03
C SER A 5 -3.02 23.35 42.85
N ARG A 6 -4.20 22.82 43.12
CA ARG A 6 -5.23 22.70 42.10
C ARG A 6 -5.60 24.08 41.55
N GLU A 7 -5.75 25.04 42.46
CA GLU A 7 -6.07 26.41 42.07
C GLU A 7 -4.95 27.11 41.31
N LEU A 8 -3.73 26.80 41.72
CA LEU A 8 -2.54 27.35 41.07
C LEU A 8 -2.49 26.90 39.62
N VAL A 9 -2.90 25.66 39.37
CA VAL A 9 -2.94 25.13 38.01
C VAL A 9 -3.86 25.96 37.13
N PHE A 10 -4.99 26.37 37.68
CA PHE A 10 -5.94 27.20 36.96
C PHE A 10 -5.37 28.57 36.60
N LEU A 11 -4.66 29.17 37.56
CA LEU A 11 -3.99 30.44 37.32
C LEU A 11 -3.01 30.29 36.19
N ILE A 12 -2.22 29.21 36.27
CA ILE A 12 -1.25 28.90 35.22
C ILE A 12 -1.97 28.69 33.87
N LEU A 13 -3.11 28.01 33.88
CA LEU A 13 -3.89 27.85 32.66
C LEU A 13 -4.29 29.20 32.03
N GLN A 14 -4.75 30.14 32.86
CA GLN A 14 -5.15 31.46 32.38
C GLN A 14 -3.96 32.22 31.80
N PHE A 15 -2.84 32.17 32.51
CA PHE A 15 -1.61 32.80 32.07
C PHE A 15 -1.20 32.29 30.69
N LEU A 16 -1.09 30.97 30.56
CA LEU A 16 -0.71 30.33 29.30
C LEU A 16 -1.59 30.77 28.14
N ASP A 17 -2.89 30.91 28.40
CA ASP A 17 -3.81 31.30 27.34
C ASP A 17 -3.54 32.76 26.93
N GLU A 18 -3.32 33.64 27.91
CA GLU A 18 -3.09 35.06 27.64
C GLU A 18 -1.80 35.28 26.87
N GLU A 19 -0.81 34.45 27.14
CA GLU A 19 0.47 34.51 26.45
C GLU A 19 0.38 33.70 25.16
N LYS A 20 -0.80 33.12 24.95
CA LYS A 20 -1.11 32.36 23.74
C LYS A 20 -0.25 31.15 23.47
N PHE A 21 0.12 30.44 24.53
CA PHE A 21 0.75 29.16 24.28
C PHE A 21 -0.42 28.18 24.26
N LYS A 22 -0.91 27.90 23.05
CA LYS A 22 -2.22 27.25 22.93
C LYS A 22 -2.09 25.77 23.25
N GLU A 23 -1.05 25.16 22.71
CA GLU A 23 -0.83 23.73 22.87
C GLU A 23 -0.48 23.40 24.31
N THR A 24 0.23 24.31 24.96
CA THR A 24 0.67 24.08 26.33
C THR A 24 -0.52 24.14 27.29
N VAL A 25 -1.50 24.99 26.96
CA VAL A 25 -2.72 25.05 27.74
C VAL A 25 -3.39 23.68 27.83
N HIS A 26 -3.56 23.05 26.68
CA HIS A 26 -4.34 21.83 26.60
C HIS A 26 -3.58 20.60 27.10
N LYS A 27 -2.25 20.62 26.98
CA LYS A 27 -1.47 19.54 27.58
C LYS A 27 -1.61 19.61 29.09
N LEU A 28 -1.70 20.83 29.61
CA LEU A 28 -1.86 21.03 31.06
C LEU A 28 -3.25 20.61 31.51
N GLU A 29 -4.26 20.94 30.71
CA GLU A 29 -5.62 20.47 30.98
C GLU A 29 -5.60 18.95 31.09
N GLN A 30 -5.02 18.32 30.08
CA GLN A 30 -4.91 16.86 29.99
C GLN A 30 -4.12 16.21 31.12
N GLU A 31 -2.91 16.70 31.38
CA GLU A 31 -2.05 16.06 32.36
C GLU A 31 -2.51 16.31 33.81
N SER A 32 -3.09 17.48 34.06
CA SER A 32 -3.64 17.78 35.38
C SER A 32 -5.00 17.13 35.55
N GLY A 33 -5.72 17.03 34.44
CA GLY A 33 -7.08 16.53 34.44
C GLY A 33 -8.07 17.38 35.22
N PHE A 34 -7.71 18.62 35.52
CA PHE A 34 -8.59 19.52 36.28
C PHE A 34 -9.67 20.25 35.50
N PHE A 35 -9.42 20.55 34.23
CA PHE A 35 -10.41 21.23 33.41
C PHE A 35 -10.48 20.58 32.04
N PHE A 36 -11.67 20.12 31.68
CA PHE A 36 -11.91 19.57 30.35
C PHE A 36 -12.46 20.68 29.48
N ASN A 37 -11.75 20.97 28.39
CA ASN A 37 -12.09 22.12 27.57
C ASN A 37 -12.92 21.67 26.39
N MET A 38 -14.22 21.90 26.51
CA MET A 38 -15.19 21.51 25.51
C MET A 38 -14.89 22.14 24.17
N LYS A 39 -14.69 23.45 24.19
CA LYS A 39 -14.47 24.21 22.97
C LYS A 39 -13.32 23.59 22.19
N TYR A 40 -12.25 23.28 22.90
CA TYR A 40 -11.10 22.62 22.31
C TYR A 40 -11.46 21.24 21.77
N PHE A 41 -12.17 20.46 22.59
CA PHE A 41 -12.60 19.11 22.21
C PHE A 41 -13.40 19.09 20.92
N GLU A 42 -14.36 19.99 20.79
CA GLU A 42 -15.19 20.05 19.59
C GLU A 42 -14.35 20.30 18.37
N GLU A 43 -13.49 21.29 18.50
CA GLU A 43 -12.59 21.71 17.46
C GLU A 43 -11.73 20.55 16.95
N LYS A 44 -11.18 19.76 17.87
CA LYS A 44 -10.38 18.62 17.46
C LYS A 44 -11.23 17.51 16.83
N VAL A 45 -12.44 17.29 17.33
CA VAL A 45 -13.33 16.28 16.74
C VAL A 45 -13.70 16.66 15.31
N HIS A 46 -14.13 17.91 15.12
CA HIS A 46 -14.41 18.43 13.78
C HIS A 46 -13.23 18.27 12.81
N ALA A 47 -12.01 18.45 13.31
CA ALA A 47 -10.81 18.38 12.49
C ALA A 47 -10.42 16.94 12.23
N GLY A 48 -11.13 16.02 12.87
CA GLY A 48 -10.83 14.61 12.73
C GLY A 48 -9.46 14.27 13.26
N GLU A 49 -8.98 14.99 14.28
CA GLU A 49 -7.66 14.66 14.78
C GLU A 49 -7.86 13.60 15.83
N TRP A 50 -7.79 12.33 15.44
CA TRP A 50 -8.31 11.33 16.35
C TRP A 50 -7.28 10.95 17.40
N ASP A 51 -6.00 10.97 17.05
CA ASP A 51 -4.98 10.64 18.05
C ASP A 51 -4.93 11.71 19.11
N GLU A 52 -5.14 12.96 18.73
CA GLU A 52 -5.11 14.03 19.73
C GLU A 52 -6.34 13.96 20.61
N VAL A 53 -7.50 13.72 20.01
CA VAL A 53 -8.73 13.52 20.77
C VAL A 53 -8.58 12.42 21.84
N GLU A 54 -8.09 11.25 21.45
CA GLU A 54 -7.96 10.16 22.40
C GLU A 54 -6.91 10.48 23.46
N LYS A 55 -5.88 11.19 23.04
CA LYS A 55 -4.81 11.59 23.93
C LYS A 55 -5.29 12.59 24.97
N TYR A 56 -6.10 13.57 24.53
CA TYR A 56 -6.69 14.56 25.42
C TYR A 56 -7.61 13.87 26.43
N LEU A 57 -8.48 13.01 25.93
CA LEU A 57 -9.41 12.26 26.77
C LEU A 57 -8.70 11.39 27.79
N SER A 58 -7.53 10.88 27.41
CA SER A 58 -6.82 9.91 28.23
C SER A 58 -6.37 10.52 29.55
N GLY A 59 -6.38 11.85 29.61
CA GLY A 59 -6.02 12.55 30.81
C GLY A 59 -7.17 12.55 31.79
N PHE A 60 -8.39 12.30 31.30
CA PHE A 60 -9.55 12.25 32.18
C PHE A 60 -10.14 10.88 32.49
N THR A 61 -9.97 9.92 31.59
CA THR A 61 -10.58 8.60 31.79
C THR A 61 -9.94 7.51 30.92
N LYS A 62 -10.06 6.25 31.33
CA LYS A 62 -9.63 5.13 30.51
C LYS A 62 -10.86 4.63 29.77
N VAL A 63 -10.69 3.64 28.89
CA VAL A 63 -11.81 3.20 28.06
C VAL A 63 -12.88 2.46 28.87
N ASP A 64 -12.46 1.63 29.81
CA ASP A 64 -13.38 0.79 30.59
C ASP A 64 -13.75 1.32 31.99
N ASP A 65 -13.45 2.59 32.27
CA ASP A 65 -13.80 3.16 33.58
C ASP A 65 -15.31 3.12 33.89
N ASN A 66 -16.13 3.45 32.89
CA ASN A 66 -17.58 3.38 33.03
C ASN A 66 -18.26 3.35 31.64
N ARG A 67 -19.53 2.96 31.60
CA ARG A 67 -20.26 2.78 30.34
C ARG A 67 -20.31 4.06 29.49
N TYR A 68 -20.35 5.21 30.15
CA TYR A 68 -20.30 6.48 29.45
C TYR A 68 -18.98 6.62 28.71
N SER A 69 -17.86 6.46 29.43
CA SER A 69 -16.57 6.67 28.81
C SER A 69 -16.33 5.55 27.79
N MET A 70 -16.96 4.40 27.99
CA MET A 70 -16.81 3.30 27.05
C MET A 70 -17.49 3.60 25.72
N LYS A 71 -18.68 4.17 25.79
CA LYS A 71 -19.38 4.54 24.56
C LYS A 71 -18.69 5.69 23.86
N ILE A 72 -18.07 6.58 24.62
CA ILE A 72 -17.35 7.72 24.03
C ILE A 72 -16.23 7.23 23.12
N PHE A 73 -15.38 6.36 23.66
CA PHE A 73 -14.30 5.79 22.88
C PHE A 73 -14.83 4.96 21.71
N PHE A 74 -15.88 4.18 21.97
CA PHE A 74 -16.47 3.39 20.91
C PHE A 74 -16.96 4.26 19.76
N GLU A 75 -17.70 5.32 20.07
CA GLU A 75 -18.20 6.18 19.01
C GLU A 75 -17.05 6.77 18.22
N ILE A 76 -16.03 7.27 18.91
CA ILE A 76 -14.90 7.88 18.20
C ILE A 76 -14.24 6.90 17.23
N ARG A 77 -13.95 5.70 17.72
CA ARG A 77 -13.20 4.74 16.95
C ARG A 77 -14.05 4.19 15.79
N LYS A 78 -15.36 4.09 16.03
CA LYS A 78 -16.29 3.72 14.97
C LYS A 78 -16.21 4.73 13.82
N GLN A 79 -16.28 6.02 14.14
CA GLN A 79 -16.23 7.04 13.09
C GLN A 79 -14.89 7.04 12.39
N LYS A 80 -13.83 6.75 13.14
CA LYS A 80 -12.49 6.65 12.56
C LYS A 80 -12.51 5.62 11.44
N TYR A 81 -13.01 4.45 11.78
CA TYR A 81 -13.20 3.30 10.91
C TYR A 81 -14.01 3.63 9.67
N LEU A 82 -15.14 4.29 9.86
CA LEU A 82 -16.02 4.60 8.74
C LEU A 82 -15.34 5.54 7.76
N GLU A 83 -14.59 6.51 8.28
CA GLU A 83 -13.88 7.45 7.42
C GLU A 83 -12.86 6.72 6.57
N ALA A 84 -12.19 5.74 7.16
CA ALA A 84 -11.23 4.91 6.45
C ALA A 84 -11.88 4.14 5.29
N LEU A 85 -13.06 3.57 5.54
CA LEU A 85 -13.83 2.88 4.49
C LEU A 85 -14.24 3.86 3.41
N ASP A 86 -14.60 5.06 3.82
CA ASP A 86 -15.20 6.02 2.92
C ASP A 86 -14.17 6.61 1.97
N ARG A 87 -12.91 6.62 2.39
CA ARG A 87 -11.83 7.03 1.50
C ARG A 87 -11.21 5.78 0.81
N HIS A 88 -11.88 4.64 1.02
CA HIS A 88 -11.53 3.37 0.39
C HIS A 88 -10.14 2.89 0.77
N ASP A 89 -9.70 3.22 1.98
CA ASP A 89 -8.44 2.71 2.46
C ASP A 89 -8.79 1.55 3.35
N ARG A 90 -8.85 0.36 2.77
CA ARG A 90 -9.41 -0.78 3.47
C ARG A 90 -8.32 -1.40 4.33
N ALA A 91 -7.07 -1.12 3.96
CA ALA A 91 -5.93 -1.53 4.75
C ALA A 91 -5.92 -0.80 6.09
N LYS A 92 -6.27 0.48 6.07
CA LYS A 92 -6.31 1.27 7.30
C LYS A 92 -7.52 0.86 8.14
N ALA A 93 -8.65 0.64 7.45
CA ALA A 93 -9.91 0.26 8.09
C ALA A 93 -9.78 -1.03 8.90
N VAL A 94 -9.05 -1.99 8.38
CA VAL A 94 -8.84 -3.25 9.08
C VAL A 94 -7.92 -3.02 10.27
N ASP A 95 -6.96 -2.11 10.10
CA ASP A 95 -5.99 -1.83 11.15
C ASP A 95 -6.70 -1.19 12.36
N ILE A 96 -7.57 -0.23 12.07
CA ILE A 96 -8.41 0.40 13.06
C ILE A 96 -9.27 -0.63 13.79
N LEU A 97 -9.86 -1.51 12.99
CA LEU A 97 -10.81 -2.50 13.48
C LEU A 97 -10.16 -3.48 14.47
N VAL A 98 -8.92 -3.85 14.21
CA VAL A 98 -8.20 -4.77 15.11
C VAL A 98 -7.61 -4.06 16.32
N LYS A 99 -6.97 -2.91 16.08
CA LYS A 99 -6.26 -2.23 17.16
C LYS A 99 -7.19 -1.40 18.07
N ASP A 100 -8.13 -0.67 17.48
CA ASP A 100 -9.04 0.19 18.23
C ASP A 100 -10.40 -0.41 18.64
N LEU A 101 -11.07 -1.10 17.72
CA LEU A 101 -12.42 -1.59 17.97
C LEU A 101 -12.55 -2.97 18.60
N LYS A 102 -11.47 -3.73 18.60
CA LYS A 102 -11.54 -5.12 19.07
C LYS A 102 -11.90 -5.20 20.55
N VAL A 103 -11.46 -4.23 21.33
CA VAL A 103 -11.71 -4.24 22.77
C VAL A 103 -13.21 -4.32 23.12
N PHE A 104 -14.05 -3.80 22.23
CA PHE A 104 -15.49 -3.76 22.48
C PHE A 104 -16.16 -5.09 22.14
N SER A 105 -15.43 -5.96 21.48
CA SER A 105 -15.99 -7.23 21.01
C SER A 105 -16.34 -8.20 22.14
N THR A 106 -15.60 -8.18 23.24
CA THR A 106 -15.85 -9.12 24.32
C THR A 106 -17.28 -9.08 24.82
N PHE A 107 -17.75 -7.89 25.13
CA PHE A 107 -19.10 -7.70 25.62
C PHE A 107 -20.13 -7.33 24.56
N ASN A 108 -19.62 -6.98 23.40
CA ASN A 108 -20.41 -6.75 22.19
C ASN A 108 -20.27 -7.69 20.99
N GLU A 109 -19.96 -8.98 21.21
CA GLU A 109 -19.65 -9.93 20.14
C GLU A 109 -20.36 -9.80 18.81
N GLU A 110 -21.67 -9.61 18.84
CA GLU A 110 -22.40 -9.56 17.59
C GLU A 110 -22.14 -8.26 16.87
N LEU A 111 -22.12 -7.16 17.63
CA LEU A 111 -21.96 -5.84 17.05
C LEU A 111 -20.59 -5.67 16.39
N TYR A 112 -19.56 -6.22 17.02
CA TYR A 112 -18.23 -6.24 16.43
C TYR A 112 -18.23 -6.92 15.05
N LYS A 113 -18.93 -8.05 14.94
CA LYS A 113 -19.08 -8.77 13.68
C LYS A 113 -19.81 -7.92 12.65
N GLU A 114 -20.92 -7.32 13.07
CA GLU A 114 -21.72 -6.50 12.15
C GLU A 114 -20.90 -5.34 11.59
N ILE A 115 -20.01 -4.80 12.42
CA ILE A 115 -19.16 -3.69 12.04
C ILE A 115 -18.08 -4.16 11.07
N THR A 116 -17.52 -5.34 11.35
CA THR A 116 -16.53 -5.97 10.48
C THR A 116 -17.09 -6.18 9.08
N GLN A 117 -18.35 -6.63 9.01
CA GLN A 117 -18.97 -6.98 7.73
C GLN A 117 -19.17 -5.78 6.80
N LEU A 118 -19.03 -4.57 7.32
CA LEU A 118 -19.18 -3.39 6.49
C LEU A 118 -18.04 -3.27 5.47
N LEU A 119 -16.94 -3.97 5.74
CA LEU A 119 -15.79 -4.03 4.83
C LEU A 119 -16.15 -4.52 3.42
N THR A 120 -17.13 -5.40 3.34
CA THR A 120 -17.47 -6.06 2.09
C THR A 120 -18.56 -5.35 1.29
N LEU A 121 -19.06 -4.24 1.81
CA LEU A 121 -20.09 -3.47 1.10
C LEU A 121 -19.46 -2.46 0.16
N GLU A 122 -20.11 -2.22 -0.97
CA GLU A 122 -19.66 -1.17 -1.88
C GLU A 122 -19.68 0.17 -1.17
N ASN A 123 -20.77 0.38 -0.42
CA ASN A 123 -20.98 1.56 0.39
C ASN A 123 -21.66 1.15 1.68
N PHE A 124 -21.12 1.54 2.84
CA PHE A 124 -21.71 1.07 4.11
C PHE A 124 -23.11 1.63 4.32
N ARG A 125 -23.49 2.61 3.49
CA ARG A 125 -24.86 3.11 3.47
C ARG A 125 -25.83 2.10 2.89
N GLU A 126 -25.32 0.97 2.42
CA GLU A 126 -26.20 -0.11 2.00
C GLU A 126 -26.78 -0.77 3.25
N ASN A 127 -26.03 -0.73 4.35
CA ASN A 127 -26.53 -1.18 5.63
C ASN A 127 -27.58 -0.18 6.13
N GLU A 128 -28.73 -0.69 6.53
CA GLU A 128 -29.87 0.16 6.83
C GLU A 128 -29.72 1.00 8.10
N GLN A 129 -28.87 0.56 9.02
CA GLN A 129 -28.60 1.35 10.22
C GLN A 129 -27.70 2.54 9.90
N LEU A 130 -26.82 2.38 8.93
CA LEU A 130 -25.90 3.45 8.49
C LEU A 130 -26.38 4.18 7.23
N SER A 131 -27.57 3.85 6.78
CA SER A 131 -28.10 4.36 5.51
C SER A 131 -28.26 5.88 5.40
N LYS A 132 -28.45 6.53 6.53
CA LYS A 132 -28.76 7.96 6.53
C LYS A 132 -27.56 8.84 6.78
N TYR A 133 -26.42 8.19 6.85
CA TYR A 133 -25.16 8.79 7.21
C TYR A 133 -24.76 9.66 6.04
N GLY A 134 -24.61 10.95 6.28
CA GLY A 134 -24.38 11.88 5.20
C GLY A 134 -22.88 12.10 5.11
N ASP A 135 -22.50 13.18 4.47
CA ASP A 135 -21.10 13.56 4.28
C ASP A 135 -20.30 13.67 5.59
N THR A 136 -18.99 13.40 5.52
CA THR A 136 -18.11 13.31 6.69
C THR A 136 -18.16 14.49 7.69
N LYS A 137 -18.19 15.72 7.17
CA LYS A 137 -18.31 16.90 8.03
C LYS A 137 -19.54 16.79 8.93
N SER A 138 -20.62 16.29 8.34
CA SER A 138 -21.90 16.19 9.05
C SER A 138 -21.92 15.04 10.05
N ALA A 139 -21.31 13.91 9.69
CA ALA A 139 -21.28 12.74 10.57
C ALA A 139 -20.51 13.06 11.84
N ARG A 140 -19.39 13.77 11.69
CA ARG A 140 -18.60 14.22 12.83
C ARG A 140 -19.44 15.09 13.76
N SER A 141 -20.20 16.00 13.18
CA SER A 141 -21.02 16.93 13.97
C SER A 141 -22.12 16.19 14.72
N ILE A 142 -22.73 15.23 14.04
CA ILE A 142 -23.81 14.43 14.63
C ILE A 142 -23.28 13.69 15.83
N MET A 143 -22.16 13.03 15.61
CA MET A 143 -21.51 12.25 16.63
C MET A 143 -21.01 13.12 17.80
N LEU A 144 -20.61 14.35 17.48
CA LEU A 144 -20.06 15.28 18.47
C LEU A 144 -21.13 15.63 19.51
N ILE A 145 -22.33 15.87 19.04
CA ILE A 145 -23.43 16.20 19.90
C ILE A 145 -23.69 15.07 20.90
N GLU A 146 -23.53 13.85 20.44
CA GLU A 146 -23.72 12.69 21.30
C GLU A 146 -22.59 12.56 22.30
N LEU A 147 -21.36 12.82 21.85
CA LEU A 147 -20.19 12.84 22.72
C LEU A 147 -20.33 13.86 23.84
N LYS A 148 -20.76 15.06 23.47
CA LYS A 148 -21.00 16.14 24.43
C LYS A 148 -21.97 15.69 25.52
N LYS A 149 -23.06 15.03 25.13
CA LYS A 149 -24.01 14.53 26.12
C LYS A 149 -23.43 13.43 26.99
N LEU A 150 -22.70 12.50 26.38
CA LEU A 150 -22.05 11.43 27.12
C LEU A 150 -21.06 11.99 28.14
N ILE A 151 -20.38 13.06 27.76
CA ILE A 151 -19.40 13.69 28.65
C ILE A 151 -20.10 14.41 29.79
N GLU A 152 -21.12 15.20 29.47
CA GLU A 152 -21.90 15.95 30.46
C GLU A 152 -22.55 15.00 31.47
N ALA A 153 -22.91 13.79 31.03
CA ALA A 153 -23.48 12.80 31.95
C ALA A 153 -22.41 11.96 32.64
N ASN A 154 -21.18 11.99 32.14
CA ASN A 154 -20.13 11.15 32.71
C ASN A 154 -19.70 11.66 34.08
N PRO A 155 -19.80 10.80 35.11
CA PRO A 155 -19.47 11.30 36.45
C PRO A 155 -18.02 11.72 36.63
N LEU A 156 -17.11 11.25 35.77
CA LEU A 156 -15.71 11.64 35.87
C LEU A 156 -15.43 13.02 35.28
N PHE A 157 -16.32 13.52 34.43
CA PHE A 157 -16.17 14.86 33.86
C PHE A 157 -17.03 15.98 34.40
N ARG A 158 -18.11 15.60 35.07
CA ARG A 158 -19.21 16.54 35.28
C ARG A 158 -18.82 17.67 36.21
N GLU A 159 -17.78 17.43 36.99
CA GLU A 159 -17.28 18.40 37.93
C GLU A 159 -16.06 19.16 37.38
N LYS A 160 -15.72 18.88 36.13
CA LYS A 160 -14.61 19.51 35.39
C LYS A 160 -14.90 20.50 34.22
N LEU A 161 -16.16 20.86 33.97
CA LEU A 161 -16.54 21.54 32.74
C LEU A 161 -16.63 23.07 32.78
N VAL A 162 -16.37 23.67 33.93
CA VAL A 162 -16.60 25.09 34.07
C VAL A 162 -15.33 25.81 34.49
N PHE A 163 -14.82 26.70 33.63
CA PHE A 163 -13.64 27.47 34.01
C PHE A 163 -14.00 28.54 35.03
N PRO A 164 -13.18 28.66 36.08
CA PRO A 164 -13.45 29.70 37.07
C PRO A 164 -13.25 31.03 36.40
N THR A 165 -13.99 32.04 36.81
CA THR A 165 -13.86 33.34 36.21
C THR A 165 -12.94 34.13 37.13
N LEU A 166 -12.01 34.85 36.51
CA LEU A 166 -10.96 35.56 37.22
C LEU A 166 -10.73 36.85 36.48
N LYS A 167 -10.27 37.88 37.19
CA LYS A 167 -9.79 39.06 36.49
C LYS A 167 -8.61 38.63 35.64
N ALA A 168 -8.35 39.37 34.56
CA ALA A 168 -7.23 39.06 33.70
C ALA A 168 -5.93 39.01 34.51
N SER A 169 -5.04 38.12 34.11
CA SER A 169 -3.70 38.01 34.70
C SER A 169 -3.64 37.88 36.21
N ARG A 170 -4.46 37.03 36.81
CA ARG A 170 -4.41 36.85 38.26
C ARG A 170 -3.02 36.40 38.73
N LEU A 171 -2.37 35.53 37.96
CA LEU A 171 -1.03 35.08 38.31
C LEU A 171 -0.05 36.23 38.45
N ARG A 172 -0.02 37.11 37.45
CA ARG A 172 0.88 38.25 37.46
C ARG A 172 0.58 39.16 38.64
N THR A 173 -0.70 39.21 39.02
CA THR A 173 -1.15 40.01 40.13
C THR A 173 -0.66 39.44 41.46
N LEU A 174 -0.74 38.12 41.61
CA LEU A 174 -0.19 37.47 42.79
C LEU A 174 1.32 37.65 42.84
N ILE A 175 2.02 37.42 41.72
CA ILE A 175 3.46 37.65 41.66
C ILE A 175 3.85 39.04 42.16
N ASN A 176 3.07 40.03 41.74
CA ASN A 176 3.28 41.41 42.15
C ASN A 176 3.24 41.57 43.67
N GLN A 177 2.25 40.93 44.29
CA GLN A 177 2.14 40.92 45.74
C GLN A 177 3.37 40.29 46.42
N SER A 178 3.94 39.24 45.84
CA SER A 178 5.13 38.63 46.46
C SER A 178 6.32 39.57 46.45
N LEU A 179 6.35 40.46 45.46
CA LEU A 179 7.41 41.46 45.38
C LEU A 179 7.13 42.56 46.42
N ASN A 180 5.85 42.82 46.65
CA ASN A 180 5.43 43.76 47.66
C ASN A 180 5.81 43.25 49.04
N TRP A 181 5.60 41.96 49.26
CA TRP A 181 5.93 41.33 50.53
C TRP A 181 7.42 41.30 50.74
N GLN A 182 8.18 41.05 49.68
CA GLN A 182 9.64 41.00 49.79
C GLN A 182 10.20 42.37 50.16
N HIS A 183 9.74 43.41 49.47
CA HIS A 183 10.24 44.76 49.72
C HIS A 183 9.82 45.21 51.08
N GLN A 184 8.68 44.71 51.54
CA GLN A 184 8.27 45.02 52.89
C GLN A 184 8.68 43.84 53.76
N LEU A 185 9.79 43.96 54.48
CA LEU A 185 10.73 45.06 54.28
C LEU A 185 12.16 44.53 54.10
N ILE A 195 13.38 46.17 38.84
CA ILE A 195 13.32 44.84 39.42
C ILE A 195 14.61 44.07 39.16
N LYS A 196 14.98 43.20 40.11
CA LYS A 196 16.18 42.38 39.94
C LYS A 196 15.91 40.98 39.35
N THR A 197 15.14 40.17 40.08
CA THR A 197 14.81 38.81 39.66
C THR A 197 13.60 38.30 40.43
N LEU A 198 12.93 37.28 39.91
CA LEU A 198 11.92 36.57 40.69
C LEU A 198 12.52 35.33 41.36
N PHE A 199 13.79 35.07 41.06
CA PHE A 199 14.42 33.80 41.45
C PHE A 199 14.86 33.73 42.91
N THR A 200 15.27 34.86 43.47
CA THR A 200 15.66 34.95 44.87
C THR A 200 15.03 36.22 45.40
N ASP A 201 14.69 36.20 46.69
CA ASP A 201 13.95 37.31 47.29
C ASP A 201 14.68 38.63 47.09
N HIS A 202 13.92 39.69 46.84
CA HIS A 202 14.53 40.97 46.56
C HIS A 202 14.94 41.57 47.90
N THR A 203 15.96 42.42 47.90
CA THR A 203 16.34 43.15 49.10
C THR A 203 16.73 44.58 48.75
N CYS A 204 16.86 45.41 49.79
CA CYS A 204 17.18 46.81 49.62
C CYS A 204 18.52 47.09 50.27
N THR A 205 19.28 47.99 49.66
CA THR A 205 20.58 48.45 50.17
C THR A 205 21.46 47.31 50.67
N MET B 1 8.79 39.70 24.64
CA MET B 1 8.60 39.28 26.03
C MET B 1 9.50 40.04 27.00
N SER B 2 8.90 40.48 28.11
CA SER B 2 9.66 41.10 29.20
C SER B 2 10.51 40.01 29.83
N SER B 3 11.55 40.39 30.57
CA SER B 3 12.34 39.38 31.27
C SER B 3 11.63 38.90 32.54
N LEU B 4 10.70 39.70 33.05
CA LEU B 4 9.81 39.27 34.12
C LEU B 4 8.99 38.08 33.63
N SER B 5 8.28 38.32 32.54
CA SER B 5 7.45 37.31 31.90
C SER B 5 8.27 36.07 31.57
N ARG B 6 9.45 36.29 31.00
CA ARG B 6 10.34 35.21 30.62
C ARG B 6 10.75 34.40 31.85
N GLU B 7 11.06 35.08 32.95
CA GLU B 7 11.40 34.41 34.19
C GLU B 7 10.21 33.70 34.82
N LEU B 8 9.04 34.27 34.66
CA LEU B 8 7.83 33.67 35.19
C LEU B 8 7.56 32.34 34.49
N VAL B 9 7.86 32.30 33.20
CA VAL B 9 7.73 31.07 32.42
C VAL B 9 8.64 29.98 32.99
N PHE B 10 9.86 30.37 33.38
CA PHE B 10 10.81 29.44 33.99
C PHE B 10 10.32 28.89 35.32
N LEU B 11 9.71 29.75 36.13
CA LEU B 11 9.11 29.31 37.38
C LEU B 11 8.06 28.26 37.12
N ILE B 12 7.21 28.52 36.14
CA ILE B 12 6.18 27.59 35.74
C ILE B 12 6.78 26.29 35.23
N LEU B 13 7.87 26.39 34.46
CA LEU B 13 8.56 25.18 33.99
C LEU B 13 9.01 24.31 35.15
N GLN B 14 9.55 24.95 36.20
CA GLN B 14 9.99 24.20 37.36
C GLN B 14 8.82 23.54 38.08
N PHE B 15 7.74 24.31 38.24
CA PHE B 15 6.53 23.79 38.87
C PHE B 15 5.99 22.58 38.10
N LEU B 16 5.78 22.75 36.81
CA LEU B 16 5.28 21.67 35.96
C LEU B 16 6.14 20.41 36.09
N ASP B 17 7.46 20.59 36.17
CA ASP B 17 8.34 19.44 36.32
C ASP B 17 8.16 18.76 37.67
N GLU B 18 8.02 19.55 38.73
CA GLU B 18 7.86 18.98 40.08
C GLU B 18 6.54 18.23 40.24
N GLU B 19 5.51 18.68 39.52
CA GLU B 19 4.22 18.00 39.54
C GLU B 19 4.24 16.86 38.52
N LYS B 20 5.36 16.72 37.85
CA LYS B 20 5.59 15.66 36.88
C LYS B 20 4.61 15.73 35.73
N PHE B 21 4.24 16.94 35.30
CA PHE B 21 3.49 16.99 34.07
C PHE B 21 4.54 17.10 32.97
N LYS B 22 4.92 15.97 32.39
CA LYS B 22 6.11 15.93 31.54
C LYS B 22 5.84 16.52 30.17
N GLU B 23 4.70 16.17 29.62
CA GLU B 23 4.37 16.68 28.31
C GLU B 23 4.10 18.17 28.29
N THR B 24 3.56 18.70 29.39
CA THR B 24 3.27 20.12 29.45
C THR B 24 4.57 20.93 29.56
N VAL B 25 5.55 20.36 30.25
CA VAL B 25 6.88 20.97 30.34
C VAL B 25 7.48 21.20 28.96
N HIS B 26 7.46 20.16 28.12
CA HIS B 26 8.12 20.28 26.84
C HIS B 26 7.31 21.12 25.85
N LYS B 27 5.98 21.15 25.98
CA LYS B 27 5.22 22.04 25.11
C LYS B 27 5.54 23.50 25.44
N LEU B 28 5.73 23.79 26.72
CA LEU B 28 6.03 25.14 27.13
C LEU B 28 7.43 25.52 26.69
N GLU B 29 8.38 24.59 26.80
CA GLU B 29 9.73 24.83 26.30
C GLU B 29 9.66 25.24 24.84
N GLN B 30 8.95 24.44 24.05
CA GLN B 30 8.77 24.64 22.63
C GLN B 30 8.09 25.94 22.23
N GLU B 31 6.93 26.20 22.83
CA GLU B 31 6.10 27.35 22.47
C GLU B 31 6.66 28.68 22.97
N SER B 32 7.32 28.66 24.11
CA SER B 32 7.97 29.86 24.63
C SER B 32 9.30 30.09 23.92
N GLY B 33 9.93 28.98 23.53
CA GLY B 33 11.25 29.02 22.94
C GLY B 33 12.33 29.49 23.88
N PHE B 34 12.05 29.52 25.18
CA PHE B 34 13.03 29.99 26.17
C PHE B 34 14.07 28.97 26.59
N PHE B 35 13.70 27.69 26.59
CA PHE B 35 14.65 26.68 27.02
C PHE B 35 14.62 25.47 26.09
N PHE B 36 15.78 25.12 25.55
CA PHE B 36 15.89 23.92 24.75
C PHE B 36 16.42 22.78 25.61
N ASN B 37 15.65 21.71 25.68
CA ASN B 37 15.97 20.63 26.59
C ASN B 37 16.68 19.50 25.85
N MET B 38 18.00 19.44 26.02
CA MET B 38 18.85 18.48 25.33
C MET B 38 18.44 17.06 25.66
N LYS B 39 18.34 16.77 26.96
CA LYS B 39 18.04 15.44 27.44
C LYS B 39 16.78 14.91 26.75
N TYR B 40 15.75 15.75 26.71
CA TYR B 40 14.51 15.40 26.04
C TYR B 40 14.74 15.19 24.55
N PHE B 41 15.47 16.12 23.93
CA PHE B 41 15.78 16.03 22.51
C PHE B 41 16.44 14.71 22.17
N GLU B 42 17.45 14.34 22.95
CA GLU B 42 18.17 13.08 22.71
C GLU B 42 17.23 11.88 22.78
N GLU B 43 16.42 11.85 23.83
CA GLU B 43 15.49 10.77 24.03
C GLU B 43 14.57 10.63 22.80
N LYS B 44 14.07 11.73 22.26
CA LYS B 44 13.21 11.64 21.09
C LYS B 44 13.98 11.21 19.83
N VAL B 45 15.21 11.66 19.67
CA VAL B 45 15.98 11.26 18.51
C VAL B 45 16.25 9.75 18.52
N HIS B 46 16.74 9.23 19.65
CA HIS B 46 16.96 7.79 19.81
C HIS B 46 15.70 7.00 19.55
N ALA B 47 14.56 7.56 19.91
CA ALA B 47 13.30 6.86 19.73
C ALA B 47 12.81 6.96 18.29
N GLY B 48 13.49 7.76 17.50
CA GLY B 48 13.08 7.97 16.13
C GLY B 48 11.72 8.66 16.05
N GLU B 49 11.39 9.48 17.03
CA GLU B 49 10.09 10.13 16.94
C GLU B 49 10.29 11.40 16.17
N TRP B 50 10.13 11.34 14.85
CA TRP B 50 10.65 12.45 14.06
C TRP B 50 9.66 13.61 14.01
N ASP B 51 8.37 13.32 14.04
CA ASP B 51 7.40 14.39 13.99
C ASP B 51 7.47 15.23 15.27
N GLU B 52 7.75 14.59 16.40
CA GLU B 52 7.88 15.34 17.64
C GLU B 52 9.20 16.12 17.66
N VAL B 53 10.28 15.48 17.21
CA VAL B 53 11.56 16.15 17.10
C VAL B 53 11.44 17.44 16.28
N GLU B 54 10.83 17.37 15.10
CA GLU B 54 10.72 18.56 14.25
C GLU B 54 9.79 19.59 14.84
N LYS B 55 8.77 19.11 15.54
CA LYS B 55 7.81 19.99 16.17
C LYS B 55 8.46 20.75 17.33
N TYR B 56 9.26 20.04 18.12
CA TYR B 56 9.98 20.65 19.23
C TYR B 56 10.99 21.68 18.71
N LEU B 57 11.76 21.31 17.69
CA LEU B 57 12.73 22.21 17.06
C LEU B 57 12.08 23.44 16.45
N SER B 58 10.86 23.28 15.96
CA SER B 58 10.21 24.35 15.21
C SER B 58 9.93 25.55 16.10
N GLY B 59 9.99 25.35 17.42
CA GLY B 59 9.80 26.44 18.34
C GLY B 59 11.06 27.28 18.50
N PHE B 60 12.19 26.69 18.15
CA PHE B 60 13.46 27.40 18.25
C PHE B 60 14.11 27.93 16.97
N THR B 61 13.85 27.31 15.84
CA THR B 61 14.45 27.72 14.58
C THR B 61 13.66 27.15 13.42
N LYS B 62 13.72 27.80 12.27
CA LYS B 62 13.15 27.25 11.04
C LYS B 62 14.27 26.58 10.26
N VAL B 63 13.94 25.96 9.14
CA VAL B 63 14.94 25.18 8.44
C VAL B 63 16.05 26.06 7.81
N ASP B 64 15.65 27.21 7.27
CA ASP B 64 16.56 28.10 6.54
C ASP B 64 17.14 29.28 7.35
N ASP B 65 16.97 29.28 8.66
CA ASP B 65 17.48 30.39 9.48
C ASP B 65 18.99 30.62 9.38
N ASN B 66 19.76 29.54 9.44
CA ASN B 66 21.20 29.63 9.29
C ASN B 66 21.75 28.27 8.94
N ARG B 67 22.99 28.25 8.48
CA ARG B 67 23.60 27.03 7.99
C ARG B 67 23.63 25.90 9.03
N TYR B 68 23.82 26.25 10.29
CA TYR B 68 23.77 25.26 11.38
C TYR B 68 22.40 24.62 11.44
N SER B 69 21.37 25.45 11.52
CA SER B 69 20.03 24.90 11.70
C SER B 69 19.64 24.15 10.43
N MET B 70 20.22 24.54 9.30
CA MET B 70 19.90 23.85 8.05
C MET B 70 20.49 22.45 8.01
N LYS B 71 21.72 22.31 8.48
CA LYS B 71 22.34 21.00 8.53
C LYS B 71 21.62 20.11 9.53
N ILE B 72 21.10 20.71 10.61
CA ILE B 72 20.38 19.97 11.64
C ILE B 72 19.16 19.26 11.05
N PHE B 73 18.29 20.02 10.40
CA PHE B 73 17.11 19.46 9.76
C PHE B 73 17.48 18.48 8.64
N PHE B 74 18.49 18.83 7.86
CA PHE B 74 18.93 17.94 6.80
C PHE B 74 19.33 16.59 7.36
N GLU B 75 20.12 16.58 8.44
CA GLU B 75 20.53 15.31 9.01
C GLU B 75 19.30 14.52 9.44
N ILE B 76 18.36 15.18 10.14
CA ILE B 76 17.17 14.49 10.64
C ILE B 76 16.38 13.85 9.52
N ARG B 77 16.13 14.61 8.47
CA ARG B 77 15.30 14.13 7.37
C ARG B 77 16.02 13.07 6.54
N LYS B 78 17.34 13.19 6.41
CA LYS B 78 18.11 12.15 5.74
C LYS B 78 17.95 10.82 6.45
N GLN B 79 18.12 10.81 7.77
CA GLN B 79 18.03 9.56 8.53
C GLN B 79 16.64 8.99 8.45
N LYS B 80 15.65 9.89 8.44
CA LYS B 80 14.26 9.50 8.31
C LYS B 80 14.11 8.66 7.05
N TYR B 81 14.58 9.23 5.94
CA TYR B 81 14.61 8.62 4.61
C TYR B 81 15.35 7.27 4.57
N LEU B 82 16.53 7.23 5.17
CA LEU B 82 17.35 6.01 5.13
C LEU B 82 16.66 4.87 5.86
N GLU B 83 16.02 5.19 6.99
CA GLU B 83 15.27 4.20 7.76
C GLU B 83 14.11 3.65 6.94
N ALA B 84 13.42 4.52 6.20
CA ALA B 84 12.33 4.08 5.33
C ALA B 84 12.83 3.07 4.27
N LEU B 85 13.96 3.37 3.66
CA LEU B 85 14.60 2.46 2.72
C LEU B 85 15.00 1.17 3.41
N ASP B 86 15.43 1.29 4.66
CA ASP B 86 16.01 0.15 5.35
C ASP B 86 14.93 -0.83 5.79
N ARG B 87 13.71 -0.34 5.92
CA ARG B 87 12.55 -1.21 6.16
C ARG B 87 11.85 -1.52 4.84
N HIS B 88 12.49 -1.14 3.75
CA HIS B 88 12.02 -1.44 2.39
C HIS B 88 10.64 -0.85 2.10
N ASP B 89 10.32 0.29 2.70
CA ASP B 89 9.07 0.97 2.37
C ASP B 89 9.40 2.09 1.41
N ARG B 90 9.30 1.83 0.12
CA ARG B 90 9.78 2.80 -0.86
C ARG B 90 8.70 3.83 -1.11
N ALA B 91 7.47 3.47 -0.82
CA ALA B 91 6.36 4.41 -0.90
C ALA B 91 6.55 5.52 0.14
N LYS B 92 7.02 5.16 1.33
CA LYS B 92 7.26 6.17 2.34
C LYS B 92 8.52 6.97 2.01
N ALA B 93 9.55 6.27 1.53
CA ALA B 93 10.82 6.91 1.20
C ALA B 93 10.65 8.01 0.16
N VAL B 94 9.79 7.76 -0.81
CA VAL B 94 9.53 8.74 -1.86
C VAL B 94 8.70 9.90 -1.33
N ASP B 95 7.79 9.61 -0.41
CA ASP B 95 6.95 10.66 0.14
C ASP B 95 7.81 11.63 0.93
N ILE B 96 8.73 11.07 1.70
CA ILE B 96 9.71 11.85 2.43
C ILE B 96 10.55 12.71 1.51
N LEU B 97 11.03 12.07 0.44
CA LEU B 97 11.99 12.71 -0.46
C LEU B 97 11.38 13.93 -1.15
N VAL B 98 10.07 13.88 -1.43
CA VAL B 98 9.38 15.02 -2.02
C VAL B 98 8.98 16.09 -1.00
N LYS B 99 8.38 15.65 0.11
CA LYS B 99 7.81 16.58 1.09
C LYS B 99 8.83 17.21 2.05
N ASP B 100 9.78 16.40 2.49
CA ASP B 100 10.79 16.83 3.47
C ASP B 100 12.12 17.26 2.85
N LEU B 101 12.69 16.41 1.99
CA LEU B 101 14.02 16.67 1.48
C LEU B 101 14.13 17.56 0.23
N LYS B 102 13.01 17.83 -0.44
CA LYS B 102 13.08 18.60 -1.70
C LYS B 102 13.61 20.01 -1.45
N VAL B 103 13.28 20.59 -0.29
CA VAL B 103 13.70 21.94 0.06
C VAL B 103 15.22 22.12 0.00
N PHE B 104 15.97 21.05 0.23
CA PHE B 104 17.43 21.11 0.25
C PHE B 104 18.05 21.07 -1.14
N SER B 105 17.23 20.76 -2.15
CA SER B 105 17.70 20.63 -3.51
C SER B 105 18.14 21.96 -4.11
N THR B 106 17.40 23.02 -3.77
CA THR B 106 17.71 24.38 -4.23
C THR B 106 19.14 24.74 -3.88
N PHE B 107 19.53 24.37 -2.66
CA PHE B 107 20.81 24.75 -2.12
C PHE B 107 21.91 23.77 -2.55
N ASN B 108 21.55 22.50 -2.74
CA ASN B 108 22.43 21.55 -3.44
C ASN B 108 21.67 20.63 -4.43
N GLU B 109 21.73 20.93 -5.72
CA GLU B 109 21.01 20.14 -6.73
C GLU B 109 21.57 18.72 -6.83
N GLU B 110 22.90 18.64 -6.79
CA GLU B 110 23.61 17.40 -7.05
C GLU B 110 23.47 16.39 -5.91
N LEU B 111 23.51 16.88 -4.67
CA LEU B 111 23.41 15.98 -3.51
C LEU B 111 22.02 15.34 -3.46
N TYR B 112 21.00 16.15 -3.72
CA TYR B 112 19.62 15.68 -3.78
C TYR B 112 19.47 14.54 -4.77
N LYS B 113 20.10 14.71 -5.94
CA LYS B 113 20.08 13.68 -6.97
C LYS B 113 20.78 12.42 -6.47
N GLU B 114 21.96 12.57 -5.90
CA GLU B 114 22.71 11.42 -5.39
C GLU B 114 21.93 10.67 -4.32
N ILE B 115 21.18 11.40 -3.50
CA ILE B 115 20.37 10.81 -2.44
C ILE B 115 19.17 10.10 -3.03
N THR B 116 18.55 10.72 -4.04
CA THR B 116 17.42 10.14 -4.73
C THR B 116 17.82 8.80 -5.35
N GLN B 117 19.02 8.74 -5.89
CA GLN B 117 19.49 7.55 -6.58
C GLN B 117 19.66 6.36 -5.64
N LEU B 118 19.62 6.59 -4.32
CA LEU B 118 19.70 5.49 -3.36
C LEU B 118 18.45 4.60 -3.39
N LEU B 119 17.37 5.15 -3.94
CA LEU B 119 16.15 4.38 -4.16
C LEU B 119 16.36 3.14 -5.02
N THR B 120 17.31 3.18 -5.95
CA THR B 120 17.49 2.07 -6.89
C THR B 120 18.52 1.02 -6.43
N LEU B 121 19.11 1.21 -5.26
CA LEU B 121 20.08 0.24 -4.75
C LEU B 121 19.41 -0.91 -3.99
N GLU B 122 20.04 -2.08 -4.05
CA GLU B 122 19.61 -3.20 -3.22
C GLU B 122 19.78 -2.82 -1.76
N ASN B 123 20.92 -2.22 -1.46
CA ASN B 123 21.22 -1.71 -0.13
C ASN B 123 22.01 -0.41 -0.27
N PHE B 124 21.58 0.67 0.39
CA PHE B 124 22.26 1.96 0.18
C PHE B 124 23.70 1.93 0.68
N ARG B 125 24.04 0.88 1.40
CA ARG B 125 25.40 0.63 1.84
C ARG B 125 26.33 0.25 0.68
N GLU B 126 25.76 0.12 -0.52
CA GLU B 126 26.54 -0.09 -1.74
C GLU B 126 27.24 1.21 -2.15
N ASN B 127 26.66 2.33 -1.74
CA ASN B 127 27.29 3.65 -1.86
C ASN B 127 28.41 3.70 -0.82
N GLU B 128 29.62 4.12 -1.20
CA GLU B 128 30.76 3.99 -0.29
C GLU B 128 30.67 5.02 0.83
N GLN B 129 29.94 6.11 0.58
CA GLN B 129 29.77 7.12 1.62
C GLN B 129 28.84 6.62 2.74
N LEU B 130 27.91 5.75 2.37
CA LEU B 130 27.02 5.11 3.34
C LEU B 130 27.44 3.70 3.75
N SER B 131 28.61 3.24 3.29
CA SER B 131 29.02 1.85 3.49
C SER B 131 29.12 1.45 4.96
N LYS B 132 29.24 2.43 5.85
CA LYS B 132 29.47 2.16 7.28
C LYS B 132 28.23 2.16 8.16
N TYR B 133 27.07 2.41 7.58
CA TYR B 133 25.89 2.67 8.38
C TYR B 133 25.24 1.34 8.82
N GLY B 134 25.50 0.93 10.05
CA GLY B 134 25.24 -0.44 10.40
C GLY B 134 24.00 -0.87 11.14
N ASP B 135 23.41 0.06 11.86
CA ASP B 135 22.26 -0.21 12.70
C ASP B 135 21.41 1.02 12.72
N THR B 136 20.10 0.86 12.82
CA THR B 136 19.30 2.06 13.03
C THR B 136 19.67 2.63 14.41
N LYS B 137 19.83 1.78 15.42
CA LYS B 137 20.23 2.25 16.75
C LYS B 137 21.55 3.02 16.76
N SER B 138 22.55 2.49 16.06
CA SER B 138 23.90 3.06 16.05
C SER B 138 23.98 4.33 15.22
N ALA B 139 23.23 4.33 14.13
CA ALA B 139 23.18 5.46 13.21
C ALA B 139 22.58 6.68 13.86
N ARG B 140 21.49 6.45 14.57
CA ARG B 140 20.81 7.50 15.33
C ARG B 140 21.75 8.14 16.32
N SER B 141 22.54 7.31 16.99
CA SER B 141 23.48 7.76 18.00
C SER B 141 24.58 8.62 17.40
N ILE B 142 25.09 8.17 16.26
CA ILE B 142 26.15 8.88 15.54
C ILE B 142 25.66 10.25 15.15
N MET B 143 24.47 10.24 14.56
CA MET B 143 23.83 11.45 14.09
C MET B 143 23.49 12.40 15.23
N LEU B 144 23.16 11.84 16.39
CA LEU B 144 22.78 12.63 17.55
C LEU B 144 23.97 13.47 18.03
N ILE B 145 25.14 12.84 18.04
CA ILE B 145 26.35 13.52 18.47
C ILE B 145 26.58 14.77 17.61
N GLU B 146 26.30 14.64 16.33
CA GLU B 146 26.48 15.73 15.40
C GLU B 146 25.46 16.84 15.64
N LEU B 147 24.21 16.44 15.85
CA LEU B 147 23.12 17.37 16.16
C LEU B 147 23.40 18.21 17.42
N LYS B 148 23.89 17.55 18.48
CA LYS B 148 24.24 18.23 19.72
C LYS B 148 25.26 19.33 19.47
N LYS B 149 26.28 19.03 18.67
CA LYS B 149 27.31 19.99 18.33
C LYS B 149 26.72 21.13 17.52
N LEU B 150 25.92 20.78 16.53
CA LEU B 150 25.31 21.78 15.67
C LEU B 150 24.42 22.72 16.47
N ILE B 151 23.71 22.19 17.47
CA ILE B 151 22.84 22.99 18.30
C ILE B 151 23.65 23.88 19.24
N GLU B 152 24.64 23.30 19.90
CA GLU B 152 25.49 24.05 20.81
C GLU B 152 26.27 25.16 20.08
N ALA B 153 26.62 24.92 18.83
CA ALA B 153 27.31 25.92 18.01
C ALA B 153 26.35 26.88 17.29
N ASN B 154 25.06 26.53 17.25
CA ASN B 154 24.08 27.40 16.59
C ASN B 154 23.86 28.64 17.46
N PRO B 155 24.15 29.84 16.91
CA PRO B 155 23.99 31.06 17.72
C PRO B 155 22.54 31.39 18.09
N LEU B 156 21.56 30.76 17.43
CA LEU B 156 20.16 30.93 17.83
C LEU B 156 19.79 30.14 19.10
N PHE B 157 20.62 29.16 19.47
CA PHE B 157 20.38 28.38 20.68
C PHE B 157 21.26 28.70 21.89
N ARG B 158 22.30 29.50 21.68
CA ARG B 158 23.40 29.58 22.64
C ARG B 158 22.99 30.13 23.99
N GLU B 159 21.90 30.89 24.02
CA GLU B 159 21.44 31.48 25.25
C GLU B 159 20.29 30.68 25.88
N LYS B 160 19.96 29.57 25.23
CA LYS B 160 18.86 28.68 25.63
C LYS B 160 19.12 27.27 26.21
N LEU B 161 20.38 26.89 26.43
CA LEU B 161 20.65 25.50 26.74
C LEU B 161 20.83 25.13 28.19
N VAL B 162 20.85 26.12 29.07
CA VAL B 162 21.14 25.82 30.46
C VAL B 162 20.05 26.42 31.31
N PHE B 163 19.34 25.56 32.03
CA PHE B 163 18.27 25.99 32.90
C PHE B 163 18.83 26.80 34.05
N PRO B 164 18.17 27.91 34.38
CA PRO B 164 18.59 28.71 35.55
C PRO B 164 18.48 27.85 36.78
N THR B 165 19.28 28.16 37.77
CA THR B 165 19.28 27.40 38.98
C THR B 165 18.31 28.09 39.94
N LEU B 166 17.47 27.30 40.60
CA LEU B 166 16.45 27.82 41.49
C LEU B 166 16.28 26.92 42.69
N LYS B 167 15.88 27.50 43.82
CA LYS B 167 15.43 26.70 44.97
C LYS B 167 14.24 25.91 44.49
N ALA B 168 14.02 24.72 45.05
CA ALA B 168 12.86 23.94 44.67
C ALA B 168 11.57 24.75 44.92
N SER B 169 10.60 24.56 44.04
CA SER B 169 9.26 25.14 44.19
C SER B 169 9.21 26.66 44.36
N ARG B 170 9.98 27.40 43.58
CA ARG B 170 9.98 28.85 43.74
C ARG B 170 8.60 29.48 43.52
N LEU B 171 7.85 29.01 42.52
CA LEU B 171 6.52 29.53 42.25
C LEU B 171 5.63 29.39 43.49
N ARG B 172 5.62 28.21 44.09
CA ARG B 172 4.81 27.97 45.28
C ARG B 172 5.23 28.90 46.41
N THR B 173 6.51 29.21 46.48
CA THR B 173 7.03 30.08 47.53
C THR B 173 6.57 31.51 47.29
N LEU B 174 6.61 31.95 46.04
CA LEU B 174 6.13 33.27 45.71
C LEU B 174 4.64 33.41 46.03
N ILE B 175 3.85 32.42 45.57
CA ILE B 175 2.42 32.37 45.86
C ILE B 175 2.16 32.54 47.37
N ASN B 176 2.97 31.84 48.16
CA ASN B 176 2.90 31.92 49.60
C ASN B 176 3.07 33.34 50.13
N GLN B 177 4.05 34.05 49.60
CA GLN B 177 4.27 35.44 49.93
C GLN B 177 3.06 36.31 49.62
N SER B 178 2.38 36.06 48.50
CA SER B 178 1.20 36.84 48.14
C SER B 178 0.08 36.64 49.14
N LEU B 179 0.03 35.44 49.75
CA LEU B 179 -0.98 35.17 50.75
C LEU B 179 -0.59 35.90 52.05
N ASN B 180 0.71 35.98 52.31
CA ASN B 180 1.21 36.74 53.45
C ASN B 180 0.96 38.23 53.29
N TRP B 181 1.17 38.74 52.09
CA TRP B 181 0.94 40.15 51.83
C TRP B 181 -0.55 40.47 51.98
N GLN B 182 -1.41 39.58 51.51
CA GLN B 182 -2.86 39.79 51.60
C GLN B 182 -3.35 39.82 53.05
N HIS B 183 -2.92 38.83 53.84
CA HIS B 183 -3.36 38.70 55.22
C HIS B 183 -2.81 39.78 56.14
N GLN B 184 -1.62 40.29 55.82
CA GLN B 184 -1.02 41.35 56.63
C GLN B 184 -1.74 42.69 56.41
N LEU B 185 -2.64 42.73 55.44
CA LEU B 185 -3.52 43.89 55.28
C LEU B 185 -4.88 43.67 55.94
N CYS B 186 -5.15 42.44 56.37
CA CYS B 186 -6.41 42.17 57.07
C CYS B 186 -6.19 42.28 58.58
N LYS B 187 -6.96 43.18 59.19
CA LYS B 187 -7.10 43.24 60.63
C LYS B 187 -8.38 42.53 61.03
N ASN B 188 -8.29 41.38 61.71
CA ASN B 188 -7.05 40.73 62.12
C ASN B 188 -7.38 39.25 62.41
N PRO B 189 -6.40 38.42 62.85
CA PRO B 189 -6.77 37.01 63.10
C PRO B 189 -7.99 36.83 64.00
N ILE B 195 -6.45 32.11 54.38
CA ILE B 195 -6.88 32.26 52.99
C ILE B 195 -7.50 30.99 52.42
N LYS B 196 -8.65 31.14 51.78
CA LYS B 196 -9.30 30.01 51.10
C LYS B 196 -9.01 29.96 49.60
N THR B 197 -9.22 31.05 48.86
CA THR B 197 -8.96 30.98 47.43
C THR B 197 -7.76 31.83 46.99
N LEU B 198 -7.18 31.45 45.85
CA LEU B 198 -6.17 32.24 45.16
C LEU B 198 -6.81 33.09 44.08
N PHE B 199 -8.13 32.93 43.94
CA PHE B 199 -8.87 33.53 42.82
C PHE B 199 -9.17 35.01 43.06
N THR B 200 -9.41 35.35 44.32
CA THR B 200 -9.58 36.75 44.75
C THR B 200 -8.92 36.94 46.12
N ASP B 201 -8.43 38.15 46.37
CA ASP B 201 -7.61 38.43 47.54
C ASP B 201 -8.30 38.03 48.85
N HIS B 202 -7.51 37.54 49.80
CA HIS B 202 -8.02 37.07 51.08
C HIS B 202 -8.32 38.24 52.01
N THR B 203 -9.26 38.05 52.92
CA THR B 203 -9.65 39.10 53.87
C THR B 203 -9.98 38.63 55.27
N CYS B 204 -10.29 39.57 56.14
CA CYS B 204 -10.75 39.23 57.47
C CYS B 204 -11.42 40.44 58.12
N MET C 1 -20.61 -35.24 -38.67
CA MET C 1 -19.23 -35.26 -39.14
C MET C 1 -18.38 -34.20 -38.46
N SER C 2 -18.89 -33.59 -37.38
CA SER C 2 -18.11 -32.63 -36.58
C SER C 2 -17.07 -33.31 -35.69
N SER C 3 -17.08 -34.63 -35.67
CA SER C 3 -16.10 -35.36 -34.90
C SER C 3 -14.76 -35.26 -35.63
N LEU C 4 -14.84 -34.95 -36.92
CA LEU C 4 -13.66 -34.69 -37.73
C LEU C 4 -12.89 -33.50 -37.20
N SER C 5 -13.57 -32.35 -37.15
CA SER C 5 -12.98 -31.11 -36.64
C SER C 5 -12.47 -31.28 -35.22
N ARG C 6 -13.31 -31.90 -34.39
CA ARG C 6 -12.98 -32.16 -33.00
C ARG C 6 -11.74 -33.05 -32.88
N GLU C 7 -11.69 -34.08 -33.72
CA GLU C 7 -10.56 -35.00 -33.73
C GLU C 7 -9.29 -34.32 -34.23
N LEU C 8 -9.48 -33.42 -35.19
CA LEU C 8 -8.37 -32.64 -35.73
C LEU C 8 -7.75 -31.76 -34.64
N VAL C 9 -8.58 -31.21 -33.75
CA VAL C 9 -8.11 -30.41 -32.62
C VAL C 9 -7.21 -31.24 -31.72
N PHE C 10 -7.59 -32.50 -31.51
CA PHE C 10 -6.80 -33.43 -30.71
C PHE C 10 -5.45 -33.74 -31.37
N LEU C 11 -5.47 -33.94 -32.68
CA LEU C 11 -4.23 -34.15 -33.42
C LEU C 11 -3.29 -32.97 -33.23
N ILE C 12 -3.83 -31.78 -33.39
CA ILE C 12 -3.08 -30.55 -33.18
C ILE C 12 -2.56 -30.44 -31.74
N LEU C 13 -3.37 -30.84 -30.77
CA LEU C 13 -2.91 -30.86 -29.38
C LEU C 13 -1.69 -31.75 -29.19
N GLN C 14 -1.73 -32.95 -29.78
CA GLN C 14 -0.62 -33.87 -29.68
C GLN C 14 0.61 -33.32 -30.39
N PHE C 15 0.41 -32.74 -31.58
CA PHE C 15 1.51 -32.13 -32.30
C PHE C 15 2.20 -31.07 -31.46
N LEU C 16 1.41 -30.09 -31.00
CA LEU C 16 1.90 -29.00 -30.16
C LEU C 16 2.66 -29.52 -28.94
N ASP C 17 2.15 -30.61 -28.35
CA ASP C 17 2.79 -31.18 -27.19
C ASP C 17 4.16 -31.76 -27.52
N GLU C 18 4.25 -32.46 -28.64
CA GLU C 18 5.49 -33.07 -29.08
C GLU C 18 6.55 -32.05 -29.45
N GLU C 19 6.09 -30.92 -29.98
CA GLU C 19 6.98 -29.82 -30.32
C GLU C 19 7.25 -28.96 -29.08
N LYS C 20 6.64 -29.36 -27.96
CA LYS C 20 6.86 -28.71 -26.67
C LYS C 20 6.45 -27.24 -26.67
N PHE C 21 5.39 -26.88 -27.40
CA PHE C 21 4.88 -25.53 -27.23
C PHE C 21 3.86 -25.64 -26.11
N LYS C 22 4.29 -25.36 -24.89
CA LYS C 22 3.50 -25.76 -23.73
C LYS C 22 2.32 -24.83 -23.53
N GLU C 23 2.55 -23.53 -23.63
CA GLU C 23 1.50 -22.56 -23.43
C GLU C 23 0.44 -22.66 -24.53
N THR C 24 0.86 -23.03 -25.74
CA THR C 24 -0.09 -23.14 -26.85
C THR C 24 -0.98 -24.35 -26.65
N VAL C 25 -0.41 -25.43 -26.11
CA VAL C 25 -1.19 -26.63 -25.82
C VAL C 25 -2.33 -26.30 -24.90
N HIS C 26 -2.02 -25.60 -23.81
CA HIS C 26 -3.03 -25.39 -22.78
C HIS C 26 -4.03 -24.30 -23.18
N LYS C 27 -3.65 -23.32 -23.99
CA LYS C 27 -4.65 -22.39 -24.51
C LYS C 27 -5.63 -23.14 -25.40
N LEU C 28 -5.12 -24.12 -26.15
CA LEU C 28 -5.99 -24.86 -27.04
C LEU C 28 -6.93 -25.77 -26.26
N GLU C 29 -6.41 -26.40 -25.21
CA GLU C 29 -7.27 -27.18 -24.31
C GLU C 29 -8.39 -26.29 -23.80
N GLN C 30 -7.99 -25.13 -23.28
CA GLN C 30 -8.93 -24.18 -22.70
C GLN C 30 -9.96 -23.65 -23.70
N GLU C 31 -9.50 -23.16 -24.85
CA GLU C 31 -10.42 -22.52 -25.79
C GLU C 31 -11.31 -23.51 -26.53
N SER C 32 -10.82 -24.71 -26.76
CA SER C 32 -11.63 -25.75 -27.38
C SER C 32 -12.53 -26.37 -26.33
N GLY C 33 -12.01 -26.42 -25.11
CA GLY C 33 -12.71 -27.07 -24.02
C GLY C 33 -12.91 -28.55 -24.23
N PHE C 34 -12.16 -29.16 -25.14
CA PHE C 34 -12.33 -30.59 -25.41
C PHE C 34 -11.61 -31.51 -24.42
N PHE C 35 -10.48 -31.06 -23.89
CA PHE C 35 -9.69 -31.89 -22.98
C PHE C 35 -9.20 -31.09 -21.79
N PHE C 36 -9.51 -31.58 -20.61
CA PHE C 36 -9.02 -30.95 -19.40
C PHE C 36 -7.77 -31.70 -18.90
N ASN C 37 -6.69 -30.96 -18.72
CA ASN C 37 -5.41 -31.56 -18.37
C ASN C 37 -5.15 -31.43 -16.86
N MET C 38 -5.38 -32.53 -16.12
CA MET C 38 -5.19 -32.58 -14.68
C MET C 38 -3.77 -32.25 -14.29
N LYS C 39 -2.83 -32.93 -14.92
CA LYS C 39 -1.42 -32.79 -14.60
C LYS C 39 -1.04 -31.32 -14.64
N TYR C 40 -1.47 -30.63 -15.69
CA TYR C 40 -1.22 -29.21 -15.83
C TYR C 40 -1.89 -28.41 -14.71
N PHE C 41 -3.15 -28.73 -14.46
CA PHE C 41 -3.93 -28.07 -13.44
C PHE C 41 -3.25 -28.12 -12.08
N GLU C 42 -2.79 -29.31 -11.70
CA GLU C 42 -2.13 -29.51 -10.42
C GLU C 42 -0.90 -28.66 -10.30
N GLU C 43 -0.11 -28.70 -11.36
CA GLU C 43 1.11 -27.94 -11.44
C GLU C 43 0.84 -26.47 -11.18
N LYS C 44 -0.22 -25.92 -11.79
CA LYS C 44 -0.54 -24.50 -11.59
C LYS C 44 -1.07 -24.21 -10.19
N VAL C 45 -1.88 -25.12 -9.65
CA VAL C 45 -2.41 -24.95 -8.30
C VAL C 45 -1.28 -24.98 -7.28
N HIS C 46 -0.40 -25.98 -7.37
CA HIS C 46 0.78 -26.00 -6.50
C HIS C 46 1.60 -24.71 -6.57
N ALA C 47 1.67 -24.13 -7.76
CA ALA C 47 2.47 -22.93 -7.98
C ALA C 47 1.75 -21.67 -7.49
N GLY C 48 0.51 -21.83 -7.07
CA GLY C 48 -0.30 -20.71 -6.65
C GLY C 48 -0.58 -19.74 -7.79
N GLU C 49 -0.64 -20.25 -9.02
CA GLU C 49 -0.92 -19.34 -10.12
C GLU C 49 -2.42 -19.28 -10.27
N TRP C 50 -3.03 -18.32 -9.59
CA TRP C 50 -4.48 -18.40 -9.45
C TRP C 50 -5.19 -17.81 -10.64
N ASP C 51 -4.61 -16.78 -11.23
CA ASP C 51 -5.25 -16.15 -12.37
C ASP C 51 -5.28 -17.13 -13.54
N GLU C 52 -4.23 -17.94 -13.68
CA GLU C 52 -4.19 -18.92 -14.77
C GLU C 52 -5.12 -20.08 -14.46
N VAL C 53 -5.12 -20.57 -13.22
CA VAL C 53 -6.03 -21.63 -12.81
C VAL C 53 -7.48 -21.28 -13.17
N GLU C 54 -7.95 -20.09 -12.77
CA GLU C 54 -9.33 -19.68 -13.05
C GLU C 54 -9.57 -19.48 -14.54
N LYS C 55 -8.54 -19.01 -15.24
CA LYS C 55 -8.61 -18.75 -16.67
C LYS C 55 -8.71 -20.08 -17.43
N TYR C 56 -7.89 -21.04 -17.03
CA TYR C 56 -7.93 -22.37 -17.62
C TYR C 56 -9.29 -23.03 -17.36
N LEU C 57 -9.74 -22.98 -16.11
CA LEU C 57 -11.05 -23.54 -15.76
C LEU C 57 -12.20 -22.91 -16.52
N SER C 58 -12.06 -21.63 -16.83
CA SER C 58 -13.17 -20.90 -17.41
C SER C 58 -13.54 -21.42 -18.78
N GLY C 59 -12.65 -22.21 -19.38
CA GLY C 59 -12.89 -22.82 -20.68
C GLY C 59 -13.78 -24.04 -20.57
N PHE C 60 -13.93 -24.51 -19.34
CA PHE C 60 -14.69 -25.72 -19.02
C PHE C 60 -15.98 -25.49 -18.24
N THR C 61 -15.96 -24.58 -17.28
CA THR C 61 -17.14 -24.33 -16.45
C THR C 61 -17.14 -22.93 -15.87
N LYS C 62 -18.31 -22.38 -15.59
CA LYS C 62 -18.45 -21.10 -14.87
C LYS C 62 -18.68 -21.44 -13.41
N VAL C 63 -18.74 -20.41 -12.56
CA VAL C 63 -18.83 -20.65 -11.13
C VAL C 63 -20.20 -21.26 -10.76
N ASP C 64 -21.27 -20.79 -11.41
CA ASP C 64 -22.63 -21.21 -11.07
C ASP C 64 -23.21 -22.31 -11.97
N ASP C 65 -22.38 -22.98 -12.76
CA ASP C 65 -22.86 -24.08 -13.60
C ASP C 65 -23.49 -25.22 -12.80
N ASN C 66 -22.92 -25.57 -11.65
CA ASN C 66 -23.47 -26.60 -10.76
C ASN C 66 -22.74 -26.64 -9.42
N ARG C 67 -23.29 -27.37 -8.46
CA ARG C 67 -22.72 -27.42 -7.10
C ARG C 67 -21.26 -27.91 -7.05
N TYR C 68 -20.87 -28.82 -7.94
CA TYR C 68 -19.47 -29.23 -8.04
C TYR C 68 -18.58 -28.08 -8.45
N SER C 69 -18.94 -27.47 -9.57
CA SER C 69 -18.13 -26.42 -10.11
C SER C 69 -18.15 -25.21 -9.16
N MET C 70 -19.22 -25.09 -8.37
CA MET C 70 -19.27 -23.99 -7.40
C MET C 70 -18.28 -24.21 -6.25
N LYS C 71 -18.19 -25.43 -5.74
CA LYS C 71 -17.24 -25.72 -4.66
C LYS C 71 -15.82 -25.58 -5.16
N ILE C 72 -15.60 -25.92 -6.44
CA ILE C 72 -14.29 -25.82 -7.05
C ILE C 72 -13.77 -24.40 -6.96
N PHE C 73 -14.54 -23.46 -7.48
CA PHE C 73 -14.15 -22.06 -7.44
C PHE C 73 -14.06 -21.55 -6.01
N PHE C 74 -15.01 -21.95 -5.16
CA PHE C 74 -14.98 -21.50 -3.79
C PHE C 74 -13.70 -21.92 -3.11
N GLU C 75 -13.32 -23.18 -3.27
CA GLU C 75 -12.10 -23.65 -2.62
C GLU C 75 -10.89 -22.85 -3.12
N ILE C 76 -10.81 -22.63 -4.44
CA ILE C 76 -9.70 -21.88 -5.03
C ILE C 76 -9.63 -20.47 -4.47
N ARG C 77 -10.76 -19.77 -4.46
CA ARG C 77 -10.77 -18.38 -4.02
C ARG C 77 -10.57 -18.25 -2.50
N LYS C 78 -11.08 -19.23 -1.76
CA LYS C 78 -10.84 -19.29 -0.34
C LYS C 78 -9.35 -19.36 -0.03
N GLN C 79 -8.65 -20.26 -0.70
CA GLN C 79 -7.22 -20.45 -0.44
C GLN C 79 -6.42 -19.23 -0.82
N LYS C 80 -6.85 -18.60 -1.91
CA LYS C 80 -6.27 -17.37 -2.41
C LYS C 80 -6.34 -16.31 -1.29
N TYR C 81 -7.52 -16.16 -0.72
CA TYR C 81 -7.76 -15.27 0.41
C TYR C 81 -6.85 -15.56 1.60
N LEU C 82 -6.78 -16.82 2.02
CA LEU C 82 -5.98 -17.15 3.19
C LEU C 82 -4.51 -16.86 2.96
N GLU C 83 -4.04 -17.09 1.75
CA GLU C 83 -2.65 -16.81 1.44
C GLU C 83 -2.36 -15.32 1.59
N ALA C 84 -3.30 -14.49 1.15
CA ALA C 84 -3.21 -13.04 1.32
C ALA C 84 -3.13 -12.67 2.79
N LEU C 85 -3.95 -13.31 3.62
CA LEU C 85 -3.87 -13.10 5.06
C LEU C 85 -2.53 -13.53 5.61
N ASP C 86 -2.00 -14.62 5.09
CA ASP C 86 -0.81 -15.23 5.68
C ASP C 86 0.45 -14.46 5.34
N ARG C 87 0.41 -13.69 4.26
CA ARG C 87 1.50 -12.78 3.94
C ARG C 87 1.18 -11.38 4.46
N HIS C 88 0.12 -11.28 5.25
CA HIS C 88 -0.31 -10.04 5.93
C HIS C 88 -0.65 -8.93 4.95
N ASP C 89 -1.17 -9.27 3.78
CA ASP C 89 -1.60 -8.22 2.88
C ASP C 89 -3.12 -8.11 3.03
N ARG C 90 -3.55 -7.20 3.88
CA ARG C 90 -4.95 -7.15 4.26
C ARG C 90 -5.74 -6.39 3.21
N ALA C 91 -5.07 -5.51 2.48
CA ALA C 91 -5.69 -4.82 1.37
C ALA C 91 -6.02 -5.81 0.22
N LYS C 92 -5.15 -6.78 -0.02
CA LYS C 92 -5.42 -7.78 -1.05
C LYS C 92 -6.48 -8.76 -0.57
N ALA C 93 -6.40 -9.13 0.71
CA ALA C 93 -7.36 -10.08 1.27
C ALA C 93 -8.79 -9.53 1.14
N VAL C 94 -8.96 -8.24 1.38
CA VAL C 94 -10.27 -7.64 1.26
C VAL C 94 -10.70 -7.53 -0.21
N ASP C 95 -9.74 -7.28 -1.11
CA ASP C 95 -10.08 -7.15 -2.52
C ASP C 95 -10.59 -8.49 -3.05
N ILE C 96 -9.91 -9.57 -2.65
CA ILE C 96 -10.36 -10.91 -2.95
C ILE C 96 -11.75 -11.17 -2.38
N LEU C 97 -11.94 -10.77 -1.13
CA LEU C 97 -13.16 -11.05 -0.40
C LEU C 97 -14.38 -10.39 -1.04
N VAL C 98 -14.19 -9.18 -1.58
CA VAL C 98 -15.28 -8.49 -2.24
C VAL C 98 -15.51 -9.00 -3.67
N LYS C 99 -14.44 -9.15 -4.44
CA LYS C 99 -14.58 -9.50 -5.84
C LYS C 99 -14.78 -10.99 -6.10
N ASP C 100 -14.01 -11.81 -5.41
CA ASP C 100 -14.04 -13.25 -5.66
C ASP C 100 -15.00 -14.03 -4.78
N LEU C 101 -15.01 -13.75 -3.47
CA LEU C 101 -15.83 -14.55 -2.58
C LEU C 101 -17.27 -14.10 -2.37
N LYS C 102 -17.61 -12.87 -2.73
CA LYS C 102 -18.93 -12.30 -2.44
C LYS C 102 -20.06 -13.06 -3.11
N VAL C 103 -19.82 -13.58 -4.31
CA VAL C 103 -20.84 -14.28 -5.07
C VAL C 103 -21.41 -15.46 -4.27
N PHE C 104 -20.59 -16.00 -3.37
CA PHE C 104 -20.99 -17.16 -2.57
C PHE C 104 -21.84 -16.76 -1.36
N SER C 105 -21.90 -15.47 -1.05
CA SER C 105 -22.59 -15.01 0.14
C SER C 105 -24.10 -15.19 0.03
N THR C 106 -24.63 -14.99 -1.17
CA THR C 106 -26.06 -15.08 -1.41
C THR C 106 -26.62 -16.41 -0.91
N PHE C 107 -25.97 -17.50 -1.25
CA PHE C 107 -26.44 -18.80 -0.80
C PHE C 107 -25.79 -19.35 0.46
N ASN C 108 -24.71 -18.75 0.92
CA ASN C 108 -24.36 -18.99 2.30
C ASN C 108 -24.01 -17.67 3.00
N GLU C 109 -25.00 -16.99 3.59
CA GLU C 109 -24.77 -15.68 4.20
C GLU C 109 -23.81 -15.83 5.37
N GLU C 110 -24.03 -16.89 6.12
CA GLU C 110 -23.36 -17.08 7.38
C GLU C 110 -21.88 -17.40 7.20
N LEU C 111 -21.56 -18.24 6.22
CA LEU C 111 -20.19 -18.64 5.95
C LEU C 111 -19.35 -17.45 5.48
N TYR C 112 -19.94 -16.61 4.65
CA TYR C 112 -19.26 -15.41 4.18
C TYR C 112 -18.84 -14.54 5.36
N LYS C 113 -19.74 -14.41 6.33
CA LYS C 113 -19.49 -13.64 7.54
C LYS C 113 -18.34 -14.26 8.35
N GLU C 114 -18.40 -15.58 8.55
CA GLU C 114 -17.36 -16.31 9.26
C GLU C 114 -16.00 -16.16 8.57
N ILE C 115 -16.02 -16.08 7.24
CA ILE C 115 -14.79 -15.91 6.47
C ILE C 115 -14.25 -14.50 6.61
N THR C 116 -15.17 -13.53 6.55
CA THR C 116 -14.79 -12.13 6.68
C THR C 116 -14.12 -11.89 8.02
N GLN C 117 -14.66 -12.50 9.07
CA GLN C 117 -14.18 -12.26 10.43
C GLN C 117 -12.76 -12.74 10.67
N LEU C 118 -12.21 -13.53 9.74
CA LEU C 118 -10.83 -13.99 9.90
C LEU C 118 -9.86 -12.84 9.76
N LEU C 119 -10.31 -11.74 9.17
CA LEU C 119 -9.51 -10.52 9.09
C LEU C 119 -9.09 -10.00 10.47
N THR C 120 -9.91 -10.23 11.50
CA THR C 120 -9.65 -9.64 12.81
C THR C 120 -8.83 -10.55 13.74
N LEU C 121 -8.46 -11.72 13.25
CA LEU C 121 -7.63 -12.63 14.03
C LEU C 121 -6.15 -12.31 13.83
N GLU C 122 -5.33 -12.52 14.86
CA GLU C 122 -3.89 -12.38 14.68
C GLU C 122 -3.44 -13.45 13.69
N ASN C 123 -4.00 -14.64 13.88
CA ASN C 123 -3.76 -15.77 13.01
C ASN C 123 -5.06 -16.55 12.82
N PHE C 124 -5.46 -16.80 11.58
CA PHE C 124 -6.74 -17.44 11.31
C PHE C 124 -6.79 -18.86 11.86
N ARG C 125 -5.63 -19.37 12.26
CA ARG C 125 -5.53 -20.65 12.93
C ARG C 125 -6.11 -20.63 14.33
N GLU C 126 -6.53 -19.45 14.79
CA GLU C 126 -7.24 -19.33 16.06
C GLU C 126 -8.67 -19.84 15.90
N ASN C 127 -9.18 -19.77 14.68
CA ASN C 127 -10.46 -20.39 14.32
C ASN C 127 -10.29 -21.90 14.33
N GLU C 128 -11.20 -22.63 14.98
CA GLU C 128 -11.03 -24.05 15.20
C GLU C 128 -11.18 -24.89 13.91
N GLN C 129 -11.89 -24.36 12.94
CA GLN C 129 -12.03 -25.05 11.67
C GLN C 129 -10.74 -24.97 10.83
N LEU C 130 -10.01 -23.88 11.00
CA LEU C 130 -8.72 -23.67 10.33
C LEU C 130 -7.54 -24.04 11.23
N SER C 131 -7.86 -24.65 12.37
CA SER C 131 -6.87 -24.94 13.41
C SER C 131 -5.71 -25.84 12.99
N LYS C 132 -5.94 -26.72 12.03
CA LYS C 132 -4.95 -27.73 11.66
C LYS C 132 -4.15 -27.28 10.46
N TYR C 133 -4.46 -26.06 10.01
CA TYR C 133 -3.94 -25.51 8.77
C TYR C 133 -2.53 -25.00 9.00
N GLY C 134 -1.59 -25.59 8.27
CA GLY C 134 -0.16 -25.37 8.39
C GLY C 134 0.46 -24.51 7.30
N ASP C 135 1.45 -25.15 6.70
CA ASP C 135 2.20 -24.68 5.57
C ASP C 135 1.31 -24.28 4.38
N THR C 136 1.74 -23.30 3.59
CA THR C 136 1.04 -22.94 2.37
C THR C 136 1.13 -24.08 1.35
N LYS C 137 2.33 -24.65 1.22
CA LYS C 137 2.59 -25.78 0.37
C LYS C 137 1.65 -26.93 0.71
N SER C 138 1.45 -27.16 2.00
CA SER C 138 0.63 -28.29 2.45
C SER C 138 -0.86 -28.04 2.24
N ALA C 139 -1.27 -26.80 2.46
CA ALA C 139 -2.69 -26.45 2.31
C ALA C 139 -3.13 -26.60 0.87
N ARG C 140 -2.30 -26.10 -0.05
CA ARG C 140 -2.55 -26.23 -1.47
C ARG C 140 -2.71 -27.70 -1.87
N SER C 141 -1.88 -28.56 -1.30
CA SER C 141 -1.91 -29.99 -1.63
C SER C 141 -3.22 -30.63 -1.15
N ILE C 142 -3.62 -30.28 0.06
CA ILE C 142 -4.85 -30.82 0.65
C ILE C 142 -6.03 -30.45 -0.21
N MET C 143 -6.10 -29.17 -0.53
CA MET C 143 -7.17 -28.63 -1.35
C MET C 143 -7.16 -29.21 -2.78
N LEU C 144 -5.98 -29.48 -3.29
CA LEU C 144 -5.86 -29.99 -4.64
C LEU C 144 -6.49 -31.37 -4.76
N ILE C 145 -6.25 -32.20 -3.75
CA ILE C 145 -6.78 -33.55 -3.73
C ILE C 145 -8.29 -33.51 -3.82
N GLU C 146 -8.89 -32.53 -3.17
CA GLU C 146 -10.34 -32.38 -3.18
C GLU C 146 -10.84 -31.88 -4.52
N LEU C 147 -10.13 -30.90 -5.08
CA LEU C 147 -10.42 -30.36 -6.42
C LEU C 147 -10.46 -31.46 -7.47
N LYS C 148 -9.48 -32.36 -7.43
CA LYS C 148 -9.46 -33.47 -8.38
C LYS C 148 -10.75 -34.27 -8.32
N LYS C 149 -11.17 -34.58 -7.10
CA LYS C 149 -12.37 -35.35 -6.90
C LYS C 149 -13.59 -34.58 -7.41
N LEU C 150 -13.65 -33.29 -7.09
CA LEU C 150 -14.73 -32.43 -7.52
C LEU C 150 -14.79 -32.33 -9.04
N ILE C 151 -13.63 -32.28 -9.67
CA ILE C 151 -13.60 -32.20 -11.14
C ILE C 151 -14.02 -33.52 -11.77
N GLU C 152 -13.47 -34.62 -11.25
CA GLU C 152 -13.82 -35.94 -11.76
C GLU C 152 -15.30 -36.26 -11.60
N ALA C 153 -15.94 -35.74 -10.57
CA ALA C 153 -17.37 -35.97 -10.36
C ALA C 153 -18.26 -34.97 -11.09
N ASN C 154 -17.67 -33.86 -11.53
CA ASN C 154 -18.44 -32.85 -12.23
C ASN C 154 -18.84 -33.41 -13.61
N PRO C 155 -20.16 -33.48 -13.86
CA PRO C 155 -20.69 -34.02 -15.13
C PRO C 155 -20.33 -33.14 -16.33
N LEU C 156 -19.87 -31.92 -16.10
CA LEU C 156 -19.45 -31.06 -17.21
C LEU C 156 -18.07 -31.46 -17.74
N PHE C 157 -17.40 -32.32 -16.98
CA PHE C 157 -16.09 -32.81 -17.35
C PHE C 157 -16.17 -34.20 -17.95
N ARG C 158 -17.40 -34.70 -18.09
CA ARG C 158 -17.63 -36.05 -18.55
C ARG C 158 -16.92 -36.19 -19.90
N GLU C 159 -16.13 -37.25 -20.03
CA GLU C 159 -15.34 -37.51 -21.23
C GLU C 159 -14.33 -36.41 -21.62
N LYS C 160 -13.97 -35.53 -20.69
CA LYS C 160 -12.89 -34.59 -20.98
C LYS C 160 -11.56 -34.87 -20.25
N LEU C 161 -11.50 -35.94 -19.46
CA LEU C 161 -10.36 -36.11 -18.56
C LEU C 161 -9.29 -37.09 -19.01
N VAL C 162 -9.58 -37.78 -20.10
CA VAL C 162 -8.73 -38.85 -20.59
C VAL C 162 -8.39 -38.56 -22.02
N PHE C 163 -7.10 -38.42 -22.29
CA PHE C 163 -6.66 -38.17 -23.64
C PHE C 163 -6.89 -39.44 -24.47
N PRO C 164 -7.35 -39.27 -25.72
CA PRO C 164 -7.51 -40.39 -26.63
C PRO C 164 -6.18 -41.05 -26.86
N THR C 165 -6.17 -42.28 -27.31
CA THR C 165 -4.91 -42.93 -27.52
C THR C 165 -4.60 -42.80 -29.01
N LEU C 166 -3.38 -42.36 -29.32
CA LEU C 166 -2.97 -42.16 -30.70
C LEU C 166 -1.52 -42.52 -30.78
N LYS C 167 -1.11 -43.04 -31.92
CA LYS C 167 0.29 -43.22 -32.17
C LYS C 167 0.96 -41.88 -32.16
N ALA C 168 2.24 -41.87 -31.79
CA ALA C 168 2.99 -40.62 -31.79
C ALA C 168 2.92 -39.92 -33.12
N SER C 169 2.86 -38.59 -33.08
CA SER C 169 2.92 -37.77 -34.29
C SER C 169 1.91 -38.13 -35.38
N ARG C 170 0.67 -38.42 -35.02
CA ARG C 170 -0.32 -38.78 -36.03
C ARG C 170 -0.53 -37.68 -37.06
N LEU C 171 -0.55 -36.42 -36.64
CA LEU C 171 -0.69 -35.32 -37.58
C LEU C 171 0.43 -35.34 -38.62
N ARG C 172 1.68 -35.51 -38.18
CA ARG C 172 2.80 -35.56 -39.13
C ARG C 172 2.67 -36.76 -40.09
N THR C 173 2.12 -37.84 -39.58
CA THR C 173 1.92 -39.04 -40.38
C THR C 173 0.85 -38.82 -41.43
N LEU C 174 -0.24 -38.15 -41.06
CA LEU C 174 -1.28 -37.83 -42.04
C LEU C 174 -0.74 -36.88 -43.10
N ILE C 175 -0.07 -35.81 -42.65
CA ILE C 175 0.58 -34.89 -43.57
C ILE C 175 1.47 -35.68 -44.52
N ASN C 176 2.16 -36.66 -43.95
CA ASN C 176 3.01 -37.56 -44.71
C ASN C 176 2.25 -38.24 -45.86
N GLN C 177 1.07 -38.74 -45.55
CA GLN C 177 0.16 -39.31 -46.53
C GLN C 177 -0.29 -38.34 -47.64
N SER C 178 -0.57 -37.09 -47.30
CA SER C 178 -0.99 -36.13 -48.31
C SER C 178 0.12 -35.85 -49.32
N LEU C 179 1.37 -35.96 -48.88
CA LEU C 179 2.49 -35.78 -49.79
C LEU C 179 2.60 -37.03 -50.66
N ASN C 180 2.24 -38.17 -50.09
CA ASN C 180 2.19 -39.43 -50.84
C ASN C 180 1.10 -39.38 -51.90
N TRP C 181 -0.06 -38.85 -51.53
CA TRP C 181 -1.16 -38.72 -52.50
C TRP C 181 -0.80 -37.76 -53.61
N GLN C 182 -0.15 -36.66 -53.26
CA GLN C 182 0.17 -35.62 -54.25
C GLN C 182 1.15 -36.11 -55.31
N HIS C 183 2.27 -36.70 -54.87
CA HIS C 183 3.34 -37.17 -55.74
C HIS C 183 2.93 -38.40 -56.52
N GLN C 184 2.07 -39.22 -55.94
CA GLN C 184 1.65 -40.46 -56.60
C GLN C 184 1.11 -40.14 -57.99
N LEU C 185 0.62 -38.91 -58.14
CA LEU C 185 0.22 -38.41 -59.45
C LEU C 185 1.46 -38.09 -60.28
N CYS C 186 2.64 -38.10 -59.65
CA CYS C 186 3.89 -37.94 -60.37
C CYS C 186 4.36 -39.37 -60.67
N LYS C 187 5.41 -39.54 -61.48
CA LYS C 187 6.12 -38.45 -62.11
C LYS C 187 5.53 -38.22 -63.49
N ILE C 195 10.00 -32.42 -52.46
CA ILE C 195 8.82 -31.64 -52.12
C ILE C 195 9.24 -30.25 -51.65
N LYS C 196 8.66 -29.23 -52.27
CA LYS C 196 9.00 -27.86 -51.93
C LYS C 196 8.13 -27.28 -50.79
N THR C 197 6.83 -27.46 -50.88
CA THR C 197 5.94 -26.86 -49.88
C THR C 197 4.75 -27.72 -49.46
N LEU C 198 4.18 -27.40 -48.31
CA LEU C 198 2.88 -27.96 -47.91
C LEU C 198 1.75 -27.03 -48.30
N PHE C 199 2.11 -25.88 -48.84
CA PHE C 199 1.17 -24.79 -49.06
C PHE C 199 0.31 -24.96 -50.31
N THR C 200 0.88 -25.60 -51.34
CA THR C 200 0.18 -25.90 -52.58
C THR C 200 0.57 -27.31 -53.01
N ASP C 201 -0.32 -28.05 -53.67
CA ASP C 201 -0.04 -29.45 -54.00
C ASP C 201 1.25 -29.63 -54.78
N HIS C 202 1.95 -30.71 -54.49
CA HIS C 202 3.23 -30.95 -55.14
C HIS C 202 3.06 -31.63 -56.52
N THR C 203 3.98 -31.33 -57.43
CA THR C 203 4.03 -31.96 -58.74
C THR C 203 5.49 -32.23 -59.13
N CYS C 204 5.70 -33.05 -60.16
CA CYS C 204 7.06 -33.38 -60.61
C CYS C 204 7.35 -32.71 -61.94
N MET D 1 14.43 -27.30 -36.53
CA MET D 1 13.15 -27.40 -37.23
C MET D 1 13.30 -27.44 -38.74
N SER D 2 12.72 -28.46 -39.35
CA SER D 2 12.67 -28.55 -40.80
C SER D 2 11.75 -27.42 -41.30
N SER D 3 11.82 -27.12 -42.59
CA SER D 3 10.92 -26.12 -43.15
C SER D 3 9.52 -26.73 -43.32
N LEU D 4 9.47 -28.07 -43.34
CA LEU D 4 8.21 -28.79 -43.32
C LEU D 4 7.46 -28.52 -42.00
N SER D 5 8.15 -28.78 -40.88
CA SER D 5 7.61 -28.51 -39.54
C SER D 5 7.18 -27.06 -39.39
N ARG D 6 8.04 -26.16 -39.87
CA ARG D 6 7.76 -24.73 -39.85
C ARG D 6 6.50 -24.42 -40.62
N GLU D 7 6.38 -25.06 -41.79
CA GLU D 7 5.20 -24.88 -42.62
C GLU D 7 3.94 -25.42 -41.96
N LEU D 8 4.07 -26.56 -41.29
CA LEU D 8 2.95 -27.22 -40.65
C LEU D 8 2.39 -26.30 -39.56
N VAL D 9 3.28 -25.59 -38.89
CA VAL D 9 2.87 -24.66 -37.88
C VAL D 9 1.99 -23.56 -38.48
N PHE D 10 2.33 -23.12 -39.68
CA PHE D 10 1.52 -22.10 -40.36
C PHE D 10 0.13 -22.60 -40.72
N LEU D 11 0.05 -23.85 -41.16
CA LEU D 11 -1.24 -24.46 -41.46
C LEU D 11 -2.10 -24.45 -40.22
N ILE D 12 -1.50 -24.88 -39.12
CA ILE D 12 -2.18 -24.95 -37.83
C ILE D 12 -2.63 -23.56 -37.39
N LEU D 13 -1.80 -22.55 -37.63
CA LEU D 13 -2.15 -21.18 -37.34
C LEU D 13 -3.42 -20.75 -38.08
N GLN D 14 -3.51 -21.12 -39.36
CA GLN D 14 -4.68 -20.79 -40.18
C GLN D 14 -5.93 -21.51 -39.67
N PHE D 15 -5.78 -22.78 -39.35
CA PHE D 15 -6.87 -23.56 -38.80
C PHE D 15 -7.39 -22.91 -37.52
N LEU D 16 -6.49 -22.64 -36.59
CA LEU D 16 -6.85 -22.02 -35.32
C LEU D 16 -7.62 -20.71 -35.52
N ASP D 17 -7.21 -19.93 -36.51
CA ASP D 17 -7.87 -18.66 -36.79
C ASP D 17 -9.29 -18.89 -37.35
N GLU D 18 -9.43 -19.90 -38.21
CA GLU D 18 -10.72 -20.24 -38.81
C GLU D 18 -11.71 -20.73 -37.77
N GLU D 19 -11.21 -21.43 -36.76
CA GLU D 19 -12.04 -21.95 -35.68
C GLU D 19 -12.19 -20.90 -34.55
N LYS D 20 -11.54 -19.76 -34.77
CA LYS D 20 -11.59 -18.59 -33.91
C LYS D 20 -11.08 -18.89 -32.50
N PHE D 21 -10.04 -19.73 -32.39
CA PHE D 21 -9.40 -19.82 -31.10
C PHE D 21 -8.31 -18.76 -31.12
N LYS D 22 -8.63 -17.60 -30.57
CA LYS D 22 -7.83 -16.41 -30.78
C LYS D 22 -6.56 -16.43 -29.94
N GLU D 23 -6.71 -16.78 -28.67
CA GLU D 23 -5.56 -16.75 -27.78
C GLU D 23 -4.56 -17.84 -28.16
N THR D 24 -5.06 -18.95 -28.69
CA THR D 24 -4.20 -20.07 -29.04
C THR D 24 -3.33 -19.70 -30.24
N VAL D 25 -3.89 -18.90 -31.16
CA VAL D 25 -3.15 -18.38 -32.30
C VAL D 25 -1.91 -17.64 -31.85
N HIS D 26 -2.08 -16.72 -30.90
CA HIS D 26 -0.97 -15.86 -30.51
C HIS D 26 0.03 -16.58 -29.59
N LYS D 27 -0.42 -17.56 -28.83
CA LYS D 27 0.55 -18.36 -28.07
C LYS D 27 1.40 -19.16 -29.05
N LEU D 28 0.80 -19.65 -30.13
CA LEU D 28 1.56 -20.43 -31.10
C LEU D 28 2.52 -19.56 -31.88
N GLU D 29 2.09 -18.34 -32.23
CA GLU D 29 2.97 -17.37 -32.88
C GLU D 29 4.20 -17.17 -32.03
N GLN D 30 3.97 -16.87 -30.75
CA GLN D 30 5.01 -16.62 -29.78
C GLN D 30 5.98 -17.77 -29.54
N GLU D 31 5.45 -18.96 -29.27
CA GLU D 31 6.29 -20.07 -28.88
C GLU D 31 7.07 -20.65 -30.08
N SER D 32 6.48 -20.59 -31.27
CA SER D 32 7.17 -21.04 -32.50
C SER D 32 8.12 -19.95 -32.99
N GLY D 33 7.73 -18.71 -32.73
CA GLY D 33 8.47 -17.54 -33.20
C GLY D 33 8.52 -17.39 -34.71
N PHE D 34 7.64 -18.09 -35.42
CA PHE D 34 7.64 -18.04 -36.90
C PHE D 34 6.92 -16.83 -37.49
N PHE D 35 5.91 -16.32 -36.80
CA PHE D 35 5.18 -15.17 -37.33
C PHE D 35 4.90 -14.15 -36.23
N PHE D 36 5.35 -12.93 -36.46
CA PHE D 36 5.05 -11.84 -35.55
C PHE D 36 3.82 -11.09 -36.07
N ASN D 37 2.79 -11.02 -35.26
CA ASN D 37 1.52 -10.48 -35.71
C ASN D 37 1.41 -9.03 -35.27
N MET D 38 1.67 -8.12 -36.21
CA MET D 38 1.67 -6.68 -35.93
C MET D 38 0.35 -6.21 -35.39
N LYS D 39 -0.69 -6.54 -36.12
CA LYS D 39 -2.04 -6.12 -35.82
C LYS D 39 -2.35 -6.43 -34.37
N TYR D 40 -2.00 -7.64 -33.95
CA TYR D 40 -2.17 -8.06 -32.57
C TYR D 40 -1.32 -7.22 -31.62
N PHE D 41 -0.05 -7.05 -31.98
CA PHE D 41 0.90 -6.28 -31.18
C PHE D 41 0.38 -4.87 -30.87
N GLU D 42 -0.10 -4.20 -31.92
CA GLU D 42 -0.63 -2.84 -31.82
C GLU D 42 -1.81 -2.79 -30.87
N GLU D 43 -2.71 -3.75 -31.08
CA GLU D 43 -3.90 -3.91 -30.28
C GLU D 43 -3.55 -3.99 -28.79
N LYS D 44 -2.56 -4.82 -28.45
CA LYS D 44 -2.15 -4.97 -27.06
C LYS D 44 -1.45 -3.73 -26.50
N VAL D 45 -0.61 -3.08 -27.30
CA VAL D 45 0.07 -1.86 -26.84
C VAL D 45 -0.94 -0.74 -26.56
N HIS D 46 -1.86 -0.49 -27.48
CA HIS D 46 -2.94 0.47 -27.27
C HIS D 46 -3.72 0.16 -26.00
N ALA D 47 -3.90 -1.12 -25.69
CA ALA D 47 -4.67 -1.52 -24.52
C ALA D 47 -3.82 -1.41 -23.23
N GLY D 48 -2.54 -1.14 -23.41
CA GLY D 48 -1.62 -1.05 -22.30
C GLY D 48 -1.43 -2.36 -21.56
N GLU D 49 -1.55 -3.49 -22.25
CA GLU D 49 -1.37 -4.75 -21.56
C GLU D 49 0.09 -5.10 -21.67
N TRP D 50 0.88 -4.69 -20.68
CA TRP D 50 2.32 -4.69 -20.86
C TRP D 50 2.90 -6.06 -20.59
N ASP D 51 2.28 -6.82 -19.68
CA ASP D 51 2.81 -8.14 -19.36
C ASP D 51 2.72 -9.04 -20.58
N GLU D 52 1.63 -8.91 -21.34
CA GLU D 52 1.45 -9.73 -22.53
C GLU D 52 2.35 -9.25 -23.68
N VAL D 53 2.46 -7.93 -23.84
CA VAL D 53 3.37 -7.34 -24.81
C VAL D 53 4.79 -7.87 -24.65
N GLU D 54 5.33 -7.84 -23.44
CA GLU D 54 6.70 -8.31 -23.24
C GLU D 54 6.82 -9.82 -23.45
N LYS D 55 5.76 -10.52 -23.06
CA LYS D 55 5.71 -11.97 -23.18
C LYS D 55 5.64 -12.40 -24.64
N TYR D 56 4.84 -11.69 -25.43
CA TYR D 56 4.74 -11.98 -26.86
C TYR D 56 6.11 -11.74 -27.51
N LEU D 57 6.74 -10.61 -27.20
CA LEU D 57 8.06 -10.28 -27.73
C LEU D 57 9.12 -11.31 -27.36
N SER D 58 9.01 -11.87 -26.17
CA SER D 58 10.04 -12.74 -25.63
C SER D 58 10.17 -14.02 -26.45
N GLY D 59 9.18 -14.31 -27.29
CA GLY D 59 9.27 -15.45 -28.16
C GLY D 59 10.12 -15.16 -29.39
N PHE D 60 10.31 -13.87 -29.68
CA PHE D 60 11.10 -13.46 -30.83
C PHE D 60 12.50 -12.88 -30.58
N THR D 61 12.74 -12.32 -29.39
CA THR D 61 14.05 -11.72 -29.07
C THR D 61 14.23 -11.55 -27.56
N LYS D 62 15.48 -11.49 -27.08
CA LYS D 62 15.73 -11.15 -25.69
C LYS D 62 16.06 -9.66 -25.64
N VAL D 63 16.26 -9.10 -24.45
CA VAL D 63 16.41 -7.65 -24.34
C VAL D 63 17.73 -7.16 -24.97
N ASP D 64 18.82 -7.90 -24.77
CA ASP D 64 20.15 -7.51 -25.24
C ASP D 64 20.59 -8.16 -26.57
N ASP D 65 19.68 -8.80 -27.31
CA ASP D 65 20.07 -9.42 -28.57
C ASP D 65 20.69 -8.43 -29.56
N ASN D 66 20.08 -7.26 -29.68
CA ASN D 66 20.62 -6.22 -30.54
C ASN D 66 20.02 -4.89 -30.14
N ARG D 67 20.64 -3.81 -30.57
CA ARG D 67 20.22 -2.47 -30.19
C ARG D 67 18.78 -2.11 -30.58
N TYR D 68 18.29 -2.65 -31.69
CA TYR D 68 16.89 -2.44 -32.05
C TYR D 68 15.95 -2.97 -30.99
N SER D 69 16.10 -4.24 -30.66
CA SER D 69 15.24 -4.87 -29.69
C SER D 69 15.48 -4.28 -28.29
N MET D 70 16.68 -3.77 -28.06
CA MET D 70 16.99 -3.09 -26.80
C MET D 70 16.24 -1.77 -26.71
N LYS D 71 16.17 -1.01 -27.80
CA LYS D 71 15.38 0.23 -27.77
C LYS D 71 13.89 -0.12 -27.64
N ILE D 72 13.50 -1.26 -28.22
CA ILE D 72 12.09 -1.68 -28.17
C ILE D 72 11.63 -1.87 -26.72
N PHE D 73 12.35 -2.70 -25.98
CA PHE D 73 12.03 -2.93 -24.58
C PHE D 73 12.16 -1.65 -23.75
N PHE D 74 13.20 -0.86 -24.02
CA PHE D 74 13.40 0.38 -23.28
C PHE D 74 12.16 1.27 -23.40
N GLU D 75 11.66 1.43 -24.61
CA GLU D 75 10.49 2.27 -24.84
C GLU D 75 9.31 1.72 -24.06
N ILE D 76 9.09 0.40 -24.17
CA ILE D 76 7.93 -0.21 -23.51
C ILE D 76 7.98 0.04 -22.02
N ARG D 77 9.14 -0.21 -21.42
CA ARG D 77 9.26 -0.12 -19.99
C ARG D 77 9.21 1.34 -19.50
N LYS D 78 9.74 2.26 -20.30
CA LYS D 78 9.62 3.68 -20.01
C LYS D 78 8.16 4.12 -19.94
N GLN D 79 7.35 3.74 -20.92
CA GLN D 79 5.95 4.15 -20.93
C GLN D 79 5.18 3.52 -19.77
N LYS D 80 5.55 2.29 -19.41
CA LYS D 80 4.98 1.62 -18.26
C LYS D 80 5.20 2.50 -17.02
N TYR D 81 6.46 2.90 -16.85
CA TYR D 81 6.90 3.77 -15.76
C TYR D 81 6.11 5.09 -15.70
N LEU D 82 5.98 5.76 -16.83
CA LEU D 82 5.31 7.04 -16.88
C LEU D 82 3.84 6.94 -16.52
N GLU D 83 3.18 5.89 -16.97
CA GLU D 83 1.78 5.67 -16.64
C GLU D 83 1.62 5.49 -15.12
N ALA D 84 2.56 4.79 -14.51
CA ALA D 84 2.56 4.62 -13.06
C ALA D 84 2.65 5.97 -12.35
N LEU D 85 3.53 6.84 -12.84
CA LEU D 85 3.65 8.20 -12.32
C LEU D 85 2.36 8.98 -12.50
N ASP D 86 1.70 8.76 -13.63
CA ASP D 86 0.56 9.58 -14.01
C ASP D 86 -0.68 9.23 -13.19
N ARG D 87 -0.72 8.01 -12.66
CA ARG D 87 -1.77 7.63 -11.72
C ARG D 87 -1.28 7.82 -10.28
N HIS D 88 -0.09 8.43 -10.15
CA HIS D 88 0.52 8.75 -8.86
C HIS D 88 0.79 7.54 -7.99
N ASP D 89 1.06 6.41 -8.62
CA ASP D 89 1.42 5.24 -7.82
C ASP D 89 2.93 5.16 -7.83
N ARG D 90 3.53 5.73 -6.81
CA ARG D 90 4.97 5.90 -6.79
C ARG D 90 5.62 4.63 -6.31
N ALA D 91 4.85 3.82 -5.60
CA ALA D 91 5.30 2.50 -5.20
C ALA D 91 5.49 1.60 -6.43
N LYS D 92 4.60 1.71 -7.40
CA LYS D 92 4.70 0.91 -8.61
C LYS D 92 5.80 1.46 -9.49
N ALA D 93 5.88 2.79 -9.57
CA ALA D 93 6.87 3.46 -10.41
C ALA D 93 8.29 3.06 -10.03
N VAL D 94 8.55 2.97 -8.73
CA VAL D 94 9.87 2.60 -8.25
C VAL D 94 10.14 1.11 -8.54
N ASP D 95 9.10 0.29 -8.47
CA ASP D 95 9.24 -1.13 -8.68
C ASP D 95 9.65 -1.40 -10.12
N ILE D 96 9.00 -0.70 -11.04
CA ILE D 96 9.33 -0.73 -12.45
C ILE D 96 10.77 -0.31 -12.68
N LEU D 97 11.15 0.78 -12.03
CA LEU D 97 12.45 1.39 -12.24
C LEU D 97 13.61 0.47 -11.84
N VAL D 98 13.41 -0.29 -10.78
CA VAL D 98 14.42 -1.25 -10.31
C VAL D 98 14.44 -2.56 -11.10
N LYS D 99 13.26 -3.12 -11.33
CA LYS D 99 13.13 -4.45 -11.94
C LYS D 99 13.25 -4.44 -13.47
N ASP D 100 12.66 -3.44 -14.10
CA ASP D 100 12.61 -3.34 -15.56
C ASP D 100 13.68 -2.45 -16.19
N LEU D 101 13.82 -1.23 -15.68
CA LEU D 101 14.70 -0.25 -16.31
C LEU D 101 16.18 -0.33 -15.87
N LYS D 102 16.49 -1.06 -14.80
CA LYS D 102 17.87 -1.07 -14.27
C LYS D 102 18.88 -1.64 -15.26
N VAL D 103 18.45 -2.62 -16.04
CA VAL D 103 19.32 -3.27 -17.01
C VAL D 103 19.92 -2.25 -17.99
N PHE D 104 19.20 -1.16 -18.23
CA PHE D 104 19.65 -0.16 -19.17
C PHE D 104 20.67 0.82 -18.59
N SER D 105 20.83 0.83 -17.27
CA SER D 105 21.71 1.78 -16.60
C SER D 105 23.18 1.53 -16.90
N THR D 106 23.53 0.25 -17.01
CA THR D 106 24.90 -0.16 -17.30
C THR D 106 25.37 0.53 -18.57
N PHE D 107 24.47 0.55 -19.54
CA PHE D 107 24.79 1.07 -20.85
C PHE D 107 24.57 2.58 -20.87
N ASN D 108 23.62 3.08 -20.09
CA ASN D 108 23.48 4.51 -19.89
C ASN D 108 23.27 4.93 -18.44
N GLU D 109 24.34 5.33 -17.75
CA GLU D 109 24.24 5.72 -16.34
C GLU D 109 23.42 6.99 -16.19
N GLU D 110 23.68 7.93 -17.08
CA GLU D 110 23.13 9.28 -16.96
C GLU D 110 21.63 9.32 -17.23
N LEU D 111 21.17 8.57 -18.22
CA LEU D 111 19.76 8.57 -18.56
C LEU D 111 18.95 7.95 -17.43
N TYR D 112 19.45 6.87 -16.83
CA TYR D 112 18.80 6.20 -15.71
C TYR D 112 18.59 7.15 -14.53
N LYS D 113 19.60 7.98 -14.26
CA LYS D 113 19.49 8.99 -13.21
C LYS D 113 18.42 10.01 -13.56
N GLU D 114 18.46 10.53 -14.79
CA GLU D 114 17.46 11.49 -15.25
C GLU D 114 16.07 10.87 -15.21
N ILE D 115 15.99 9.55 -15.44
CA ILE D 115 14.72 8.84 -15.48
C ILE D 115 14.19 8.72 -14.05
N THR D 116 15.10 8.42 -13.13
CA THR D 116 14.79 8.31 -11.71
C THR D 116 14.27 9.60 -11.10
N GLN D 117 14.89 10.72 -11.47
CA GLN D 117 14.56 12.00 -10.87
C GLN D 117 13.15 12.50 -11.17
N LEU D 118 12.48 11.88 -12.14
CA LEU D 118 11.11 12.26 -12.47
C LEU D 118 10.16 11.93 -11.33
N LEU D 119 10.61 11.04 -10.46
CA LEU D 119 9.86 10.65 -9.27
C LEU D 119 9.50 11.83 -8.38
N THR D 120 10.37 12.84 -8.35
CA THR D 120 10.21 13.98 -7.44
C THR D 120 9.47 15.18 -8.06
N LEU D 121 9.04 15.08 -9.31
CA LEU D 121 8.32 16.17 -9.97
C LEU D 121 6.82 16.14 -9.69
N GLU D 122 6.19 17.31 -9.63
CA GLU D 122 4.72 17.35 -9.55
C GLU D 122 4.15 16.69 -10.79
N ASN D 123 4.74 17.03 -11.93
CA ASN D 123 4.35 16.45 -13.20
C ASN D 123 5.59 16.29 -14.07
N PHE D 124 5.81 15.11 -14.64
CA PHE D 124 7.03 14.88 -15.43
C PHE D 124 7.05 15.77 -16.67
N ARG D 125 5.92 16.41 -16.96
CA ARG D 125 5.83 17.42 -18.01
C ARG D 125 6.58 18.69 -17.64
N GLU D 126 7.14 18.73 -16.42
CA GLU D 126 8.03 19.81 -16.04
C GLU D 126 9.42 19.63 -16.68
N ASN D 127 9.78 18.38 -16.97
CA ASN D 127 10.98 18.08 -17.74
C ASN D 127 10.78 18.49 -19.21
N GLU D 128 11.75 19.19 -19.80
CA GLU D 128 11.51 19.80 -21.11
C GLU D 128 11.41 18.77 -22.25
N GLN D 129 12.03 17.62 -22.06
CA GLN D 129 11.97 16.54 -23.04
C GLN D 129 10.61 15.82 -23.03
N LEU D 130 9.99 15.78 -21.87
CA LEU D 130 8.67 15.17 -21.70
C LEU D 130 7.52 16.18 -21.66
N SER D 131 7.83 17.44 -21.91
CA SER D 131 6.87 18.55 -21.77
C SER D 131 5.65 18.48 -22.69
N LYS D 132 5.82 17.81 -23.83
CA LYS D 132 4.84 17.78 -24.92
C LYS D 132 3.96 16.54 -24.81
N TYR D 133 4.16 15.82 -23.71
CA TYR D 133 3.53 14.55 -23.45
C TYR D 133 2.08 14.78 -22.98
N GLY D 134 1.15 14.11 -23.65
CA GLY D 134 -0.29 14.31 -23.50
C GLY D 134 -1.06 13.30 -22.65
N ASP D 135 -2.17 12.87 -23.22
CA ASP D 135 -3.05 11.86 -22.65
C ASP D 135 -2.37 10.51 -22.88
N THR D 136 -2.70 9.51 -22.07
CA THR D 136 -2.09 8.20 -22.20
C THR D 136 -2.31 7.55 -23.58
N LYS D 137 -3.52 7.67 -24.08
CA LYS D 137 -3.90 7.15 -25.39
C LYS D 137 -2.97 7.65 -26.48
N SER D 138 -2.65 8.93 -26.43
CA SER D 138 -1.82 9.58 -27.45
C SER D 138 -0.36 9.17 -27.34
N ALA D 139 0.13 9.05 -26.11
CA ALA D 139 1.53 8.68 -25.86
C ALA D 139 1.83 7.27 -26.35
N ARG D 140 0.90 6.36 -26.05
CA ARG D 140 1.00 4.98 -26.50
C ARG D 140 1.10 4.92 -28.03
N SER D 141 0.28 5.74 -28.68
CA SER D 141 0.22 5.78 -30.12
C SER D 141 1.51 6.26 -30.75
N ILE D 142 2.08 7.30 -30.17
CA ILE D 142 3.32 7.88 -30.66
C ILE D 142 4.43 6.84 -30.58
N MET D 143 4.50 6.22 -29.42
CA MET D 143 5.49 5.21 -29.12
C MET D 143 5.32 3.96 -30.02
N LEU D 144 4.08 3.65 -30.35
CA LEU D 144 3.75 2.49 -31.18
C LEU D 144 4.33 2.68 -32.58
N ILE D 145 4.23 3.90 -33.08
CA ILE D 145 4.77 4.25 -34.38
C ILE D 145 6.26 3.95 -34.42
N GLU D 146 6.93 4.25 -33.31
CA GLU D 146 8.36 4.04 -33.20
C GLU D 146 8.71 2.55 -33.11
N LEU D 147 7.93 1.85 -32.30
CA LEU D 147 8.07 0.41 -32.15
C LEU D 147 7.94 -0.34 -33.48
N LYS D 148 6.93 0.04 -34.27
CA LYS D 148 6.73 -0.56 -35.59
C LYS D 148 7.97 -0.43 -36.47
N LYS D 149 8.59 0.75 -36.45
CA LYS D 149 9.80 0.98 -37.23
C LYS D 149 10.96 0.12 -36.71
N LEU D 150 11.10 0.08 -35.39
CA LEU D 150 12.14 -0.72 -34.74
C LEU D 150 12.00 -2.20 -35.04
N ILE D 151 10.76 -2.67 -35.10
CA ILE D 151 10.50 -4.08 -35.39
C ILE D 151 10.77 -4.37 -36.86
N GLU D 152 10.27 -3.52 -37.75
CA GLU D 152 10.46 -3.68 -39.18
C GLU D 152 11.94 -3.67 -39.56
N ALA D 153 12.75 -2.90 -38.83
CA ALA D 153 14.18 -2.83 -39.09
C ALA D 153 15.00 -3.90 -38.38
N ASN D 154 14.40 -4.55 -37.39
CA ASN D 154 15.13 -5.54 -36.60
C ASN D 154 15.46 -6.78 -37.42
N PRO D 155 16.75 -7.13 -37.50
CA PRO D 155 17.14 -8.27 -38.34
C PRO D 155 16.59 -9.60 -37.84
N LEU D 156 16.16 -9.68 -36.59
CA LEU D 156 15.53 -10.89 -36.06
C LEU D 156 14.06 -11.04 -36.45
N PHE D 157 13.44 -9.93 -36.85
CA PHE D 157 12.04 -9.96 -37.26
C PHE D 157 11.78 -9.87 -38.75
N ARG D 158 12.84 -9.61 -39.51
CA ARG D 158 12.70 -9.16 -40.90
C ARG D 158 12.02 -10.19 -41.80
N GLU D 159 12.21 -11.47 -41.50
CA GLU D 159 11.54 -12.51 -42.26
C GLU D 159 10.28 -13.09 -41.61
N LYS D 160 9.85 -12.47 -40.51
CA LYS D 160 8.66 -12.90 -39.77
C LYS D 160 7.37 -12.05 -39.83
N LEU D 161 7.34 -10.98 -40.63
CA LEU D 161 6.25 -10.01 -40.53
C LEU D 161 5.08 -10.15 -41.50
N VAL D 162 5.18 -11.10 -42.43
CA VAL D 162 4.19 -11.28 -43.48
C VAL D 162 3.70 -12.72 -43.54
N PHE D 163 2.40 -12.90 -43.35
CA PHE D 163 1.81 -14.22 -43.39
C PHE D 163 1.85 -14.79 -44.81
N PRO D 164 2.24 -16.07 -44.94
CA PRO D 164 2.28 -16.76 -46.22
C PRO D 164 0.88 -16.86 -46.80
N THR D 165 0.84 -17.07 -48.11
CA THR D 165 -0.42 -17.14 -48.85
C THR D 165 -0.92 -18.56 -48.88
N LEU D 166 -2.19 -18.78 -48.55
CA LEU D 166 -2.71 -20.13 -48.57
C LEU D 166 -4.18 -20.10 -48.95
N LYS D 167 -4.65 -21.15 -49.63
CA LYS D 167 -6.07 -21.32 -49.82
C LYS D 167 -6.67 -21.54 -48.44
N ALA D 168 -7.93 -21.17 -48.26
CA ALA D 168 -8.62 -21.37 -47.00
C ALA D 168 -8.57 -22.85 -46.63
N SER D 169 -8.45 -23.12 -45.33
CA SER D 169 -8.50 -24.49 -44.79
C SER D 169 -7.53 -25.47 -45.40
N ARG D 170 -6.27 -25.07 -45.61
CA ARG D 170 -5.30 -25.98 -46.21
C ARG D 170 -5.12 -27.27 -45.40
N LEU D 171 -5.08 -27.14 -44.08
CA LEU D 171 -4.93 -28.30 -43.21
C LEU D 171 -6.06 -29.31 -43.45
N ARG D 172 -7.29 -28.82 -43.49
CA ARG D 172 -8.46 -29.68 -43.72
C ARG D 172 -8.35 -30.35 -45.09
N THR D 173 -7.75 -29.65 -46.04
CA THR D 173 -7.57 -30.16 -47.39
C THR D 173 -6.53 -31.26 -47.42
N LEU D 174 -5.44 -31.05 -46.69
CA LEU D 174 -4.41 -32.07 -46.59
C LEU D 174 -4.96 -33.32 -45.90
N ILE D 175 -5.67 -33.12 -44.79
CA ILE D 175 -6.30 -34.23 -44.08
C ILE D 175 -7.12 -35.08 -45.04
N ASN D 176 -7.85 -34.40 -45.91
CA ASN D 176 -8.68 -35.05 -46.91
C ASN D 176 -7.90 -36.00 -47.81
N GLN D 177 -6.75 -35.52 -48.29
CA GLN D 177 -5.85 -36.33 -49.09
C GLN D 177 -5.35 -37.57 -48.34
N SER D 178 -5.07 -37.47 -47.04
CA SER D 178 -4.64 -38.65 -46.28
C SER D 178 -5.75 -39.68 -46.17
N LEU D 179 -6.98 -39.23 -46.18
CA LEU D 179 -8.11 -40.14 -46.13
C LEU D 179 -8.27 -40.82 -47.50
N ASN D 180 -7.97 -40.05 -48.55
CA ASN D 180 -7.99 -40.57 -49.90
C ASN D 180 -6.88 -41.60 -50.09
N TRP D 181 -5.70 -41.32 -49.54
CA TRP D 181 -4.56 -42.23 -49.65
C TRP D 181 -4.82 -43.54 -48.91
N GLN D 182 -5.43 -43.45 -47.74
CA GLN D 182 -5.70 -44.64 -46.94
C GLN D 182 -6.65 -45.61 -47.63
N HIS D 183 -7.78 -45.07 -48.10
CA HIS D 183 -8.84 -45.86 -48.70
C HIS D 183 -8.45 -46.38 -50.08
N GLN D 184 -7.54 -45.67 -50.74
CA GLN D 184 -7.05 -46.09 -52.05
C GLN D 184 -6.17 -47.33 -51.91
N LEU D 185 -5.91 -47.74 -50.67
CA LEU D 185 -5.31 -49.04 -50.36
C LEU D 185 -6.33 -50.10 -49.90
N CYS D 186 -7.60 -49.70 -49.78
CA CYS D 186 -8.70 -50.61 -49.41
C CYS D 186 -9.32 -51.36 -50.58
N LYS D 187 -9.83 -52.54 -50.27
CA LYS D 187 -10.39 -53.49 -51.24
C LYS D 187 -11.90 -53.39 -51.50
N ASN D 188 -12.51 -52.26 -51.18
CA ASN D 188 -13.95 -52.11 -51.27
C ASN D 188 -14.37 -50.67 -51.66
N PRO D 189 -15.68 -50.28 -51.63
CA PRO D 189 -16.05 -49.04 -52.36
C PRO D 189 -15.11 -47.84 -52.19
N ASP D 194 -17.15 -45.01 -45.45
CA ASP D 194 -17.25 -44.60 -44.05
C ASP D 194 -15.89 -44.34 -43.42
N ILE D 195 -15.62 -43.07 -43.12
CA ILE D 195 -14.46 -42.73 -42.31
C ILE D 195 -14.92 -42.51 -40.88
N LYS D 196 -14.44 -43.34 -39.98
CA LYS D 196 -14.82 -43.24 -38.58
C LYS D 196 -13.94 -42.27 -37.80
N THR D 197 -12.64 -42.38 -37.98
CA THR D 197 -11.71 -41.56 -37.21
C THR D 197 -10.50 -41.07 -37.98
N LEU D 198 -9.86 -40.02 -37.46
CA LEU D 198 -8.55 -39.61 -37.96
C LEU D 198 -7.46 -40.27 -37.11
N PHE D 199 -7.89 -41.00 -36.08
CA PHE D 199 -6.96 -41.50 -35.06
C PHE D 199 -6.18 -42.73 -35.51
N THR D 200 -6.83 -43.56 -36.31
CA THR D 200 -6.19 -44.72 -36.89
C THR D 200 -6.62 -44.80 -38.33
N ASP D 201 -5.74 -45.34 -39.16
CA ASP D 201 -5.96 -45.39 -40.58
C ASP D 201 -7.28 -46.08 -40.89
N HIS D 202 -7.93 -45.61 -41.95
CA HIS D 202 -9.20 -46.16 -42.36
C HIS D 202 -9.02 -47.48 -43.09
N THR D 203 -10.01 -48.37 -43.01
CA THR D 203 -10.06 -49.55 -43.86
C THR D 203 -11.51 -49.88 -44.25
N CYS D 204 -11.69 -50.80 -45.19
CA CYS D 204 -13.01 -51.24 -45.59
C CYS D 204 -13.20 -52.75 -45.42
N THR E 3 -30.57 2.90 25.32
CA THR E 3 -29.53 3.22 24.36
C THR E 3 -29.12 4.67 24.49
N GLU E 4 -28.88 5.07 25.72
CA GLU E 4 -28.25 6.33 26.00
C GLU E 4 -26.78 5.97 26.01
N LEU E 5 -26.40 5.01 26.84
CA LEU E 5 -25.08 4.42 26.77
C LEU E 5 -25.04 3.05 26.05
N ARG E 6 -26.10 2.66 25.34
CA ARG E 6 -26.05 1.38 24.61
C ARG E 6 -25.24 1.54 23.33
N LEU E 7 -24.48 0.51 22.99
CA LEU E 7 -23.65 0.55 21.81
C LEU E 7 -24.37 0.07 20.57
N GLY E 8 -24.46 0.95 19.59
CA GLY E 8 -25.01 0.56 18.33
C GLY E 8 -24.24 1.27 17.24
N LEU E 9 -24.67 1.06 16.01
CA LEU E 9 -24.15 1.76 14.86
C LEU E 9 -25.22 2.50 14.06
N PRO E 10 -25.15 3.85 14.04
CA PRO E 10 -24.52 4.67 15.08
C PRO E 10 -25.36 5.30 16.20
N GLY E 11 -26.25 6.23 15.83
CA GLY E 11 -26.91 7.08 16.81
C GLY E 11 -25.91 7.97 17.55
N GLU F 4 31.79 20.76 7.85
CA GLU F 4 31.29 20.94 9.21
C GLU F 4 29.86 21.40 9.23
N LEU F 5 29.58 22.51 8.55
CA LEU F 5 28.20 22.95 8.34
C LEU F 5 27.80 22.43 6.95
N ARG F 6 28.66 21.59 6.40
CA ARG F 6 28.48 21.03 5.07
C ARG F 6 27.47 19.89 4.99
N LEU F 7 26.68 19.86 3.92
CA LEU F 7 25.70 18.81 3.80
C LEU F 7 26.37 17.66 3.06
N GLY F 8 26.70 16.60 3.79
CA GLY F 8 27.32 15.42 3.23
C GLY F 8 26.38 14.27 3.40
N LEU F 9 26.96 13.08 3.44
CA LEU F 9 26.23 11.91 3.90
C LEU F 9 27.14 10.74 4.28
N PRO F 10 26.91 10.23 5.50
CA PRO F 10 26.45 11.03 6.64
C PRO F 10 27.44 11.65 7.65
N GLY F 11 28.24 10.79 8.31
CA GLY F 11 29.10 11.14 9.42
C GLY F 11 28.54 12.13 10.44
N ASP G 2 -10.55 -29.39 1.24
CA ASP G 2 -11.05 -30.15 2.39
C ASP G 2 -10.71 -29.40 3.70
N THR G 3 -9.82 -28.42 3.60
CA THR G 3 -9.62 -27.50 4.71
C THR G 3 -10.85 -26.57 4.71
N GLU G 4 -11.24 -26.09 5.89
CA GLU G 4 -12.51 -25.37 6.06
C GLU G 4 -12.39 -23.83 5.85
N LEU G 5 -13.49 -23.07 5.91
CA LEU G 5 -14.81 -23.57 6.22
C LEU G 5 -15.49 -23.99 4.92
N ARG G 6 -16.62 -24.69 4.97
CA ARG G 6 -17.03 -25.28 3.71
C ARG G 6 -18.49 -25.19 3.34
N LEU G 7 -18.74 -24.91 2.05
CA LEU G 7 -19.98 -25.32 1.47
C LEU G 7 -19.84 -26.79 1.12
N GLY G 8 -20.91 -27.55 1.32
CA GLY G 8 -20.83 -28.98 1.12
C GLY G 8 -20.66 -29.47 -0.29
N LEU G 9 -20.40 -30.79 -0.36
CA LEU G 9 -20.35 -31.66 -1.52
C LEU G 9 -19.49 -32.88 -1.16
N GLU H 4 16.76 6.97 -33.75
CA GLU H 4 17.21 5.75 -34.42
C GLU H 4 17.29 4.58 -33.44
N LEU H 5 18.51 4.33 -32.96
CA LEU H 5 18.85 3.34 -31.93
C LEU H 5 18.98 3.93 -30.53
N ARG H 6 19.80 4.96 -30.43
CA ARG H 6 20.22 5.52 -29.15
C ARG H 6 19.00 5.89 -28.34
N LEU H 7 19.14 5.68 -27.03
CA LEU H 7 18.05 5.83 -26.10
C LEU H 7 17.91 7.26 -25.65
N GLY H 8 16.76 7.85 -25.90
CA GLY H 8 16.54 9.16 -25.37
C GLY H 8 15.47 9.05 -24.30
N LEU H 9 15.06 10.22 -23.82
CA LEU H 9 13.87 10.34 -23.02
C LEU H 9 12.97 11.27 -23.83
N PRO H 10 12.54 10.86 -25.05
CA PRO H 10 11.58 11.49 -25.95
C PRO H 10 10.26 10.74 -26.18
N GLY H 11 9.57 11.19 -27.23
CA GLY H 11 8.34 10.57 -27.66
C GLY H 11 8.57 9.15 -28.15
ZN ZN I . 12.12 44.62 43.65
ZN ZN J . -11.44 -48.47 -47.37
#